data_8V2V
#
_entry.id   8V2V
#
loop_
_entity.id
_entity.type
_entity.pdbx_description
1 polymer 'Recifin A'
2 non-polymer 'PYROGLUTAMIC ACID'
#
_entity_poly.entity_id   1
_entity_poly.type   'polypeptide(L)'
_entity_poly.pdbx_seq_one_letter_code
;EAFCFSDRFCQNYIGSIPDCCFGRGSYSFELQPPPWECYQC
;
_entity_poly.pdbx_strand_id   A
#
# COMPACT_ATOMS: atom_id res chain seq x y z
N GLU A 1 -10.34 0.74 -5.54
CA GLU A 1 -9.37 1.44 -4.71
C GLU A 1 -8.06 0.64 -4.67
N ALA A 2 -6.95 1.34 -4.47
CA ALA A 2 -5.66 0.73 -4.39
C ALA A 2 -5.52 0.00 -3.05
N PHE A 3 -4.63 -0.94 -3.02
CA PHE A 3 -4.36 -1.75 -1.85
C PHE A 3 -3.44 -0.96 -0.96
N CYS A 4 -3.69 -0.94 0.31
CA CYS A 4 -2.94 -0.09 1.19
C CYS A 4 -2.07 -0.88 2.14
N PHE A 5 -0.87 -0.39 2.36
CA PHE A 5 0.13 -1.06 3.15
C PHE A 5 0.67 -0.12 4.22
N SER A 6 0.84 -0.64 5.41
CA SER A 6 1.28 0.17 6.54
C SER A 6 2.79 0.39 6.48
N ASP A 7 3.49 -0.55 5.92
CA ASP A 7 4.93 -0.49 5.87
C ASP A 7 5.38 -0.04 4.52
N ARG A 8 6.55 0.58 4.49
CA ARG A 8 7.09 1.25 3.29
C ARG A 8 7.21 0.36 2.09
N PHE A 9 7.63 -0.85 2.28
CA PHE A 9 7.93 -1.72 1.16
C PHE A 9 6.80 -2.65 0.81
N CYS A 10 5.58 -2.23 1.11
CA CYS A 10 4.38 -2.97 0.75
C CYS A 10 4.41 -4.39 1.35
N GLN A 11 4.97 -4.50 2.53
CA GLN A 11 5.05 -5.79 3.18
C GLN A 11 3.79 -6.10 3.97
N ASN A 12 3.23 -5.10 4.62
CA ASN A 12 2.04 -5.30 5.44
C ASN A 12 0.84 -4.65 4.85
N TYR A 13 -0.04 -5.44 4.30
CA TYR A 13 -1.27 -4.97 3.71
C TYR A 13 -2.38 -4.98 4.72
N ILE A 14 -3.08 -3.89 4.77
CA ILE A 14 -4.05 -3.64 5.82
C ILE A 14 -5.46 -3.48 5.25
N GLY A 15 -5.62 -3.99 4.09
CA GLY A 15 -6.85 -3.88 3.38
C GLY A 15 -6.86 -2.69 2.45
N SER A 16 -7.92 -2.51 1.78
CA SER A 16 -8.08 -1.41 0.88
C SER A 16 -9.12 -0.48 1.51
N ILE A 17 -8.67 0.63 2.02
CA ILE A 17 -9.53 1.55 2.74
C ILE A 17 -9.56 2.91 2.06
N PRO A 18 -10.66 3.68 2.21
CA PRO A 18 -10.81 5.01 1.59
C PRO A 18 -9.72 6.00 2.00
N ASP A 19 -9.27 5.92 3.24
CA ASP A 19 -8.20 6.79 3.75
C ASP A 19 -6.87 6.34 3.19
N CYS A 20 -6.82 5.06 2.92
CA CYS A 20 -5.68 4.31 2.44
C CYS A 20 -4.44 4.44 3.34
N CYS A 21 -3.73 5.52 3.23
CA CYS A 21 -2.53 5.70 3.98
C CYS A 21 -2.85 6.37 5.30
N PHE A 22 -3.08 5.57 6.32
CA PHE A 22 -3.29 6.11 7.67
C PHE A 22 -1.98 6.65 8.16
N GLY A 23 -0.96 5.96 7.78
CA GLY A 23 0.36 6.35 8.07
C GLY A 23 1.11 6.46 6.78
N ARG A 24 2.33 6.90 6.82
CA ARG A 24 3.12 6.99 5.62
C ARG A 24 3.69 5.63 5.26
N GLY A 25 2.85 4.78 4.74
CA GLY A 25 3.28 3.47 4.34
C GLY A 25 3.44 3.39 2.85
N SER A 26 2.65 2.57 2.24
CA SER A 26 2.64 2.40 0.81
C SER A 26 1.29 1.91 0.38
N TYR A 27 1.12 1.77 -0.89
CA TYR A 27 -0.09 1.28 -1.46
C TYR A 27 0.24 0.85 -2.87
N SER A 28 -0.67 0.16 -3.51
CA SER A 28 -0.41 -0.33 -4.83
C SER A 28 -1.70 -0.73 -5.53
N PHE A 29 -1.63 -1.03 -6.81
CA PHE A 29 -2.82 -1.44 -7.53
C PHE A 29 -2.86 -2.96 -7.63
N GLU A 30 -1.86 -3.59 -7.06
CA GLU A 30 -1.75 -5.03 -7.01
C GLU A 30 -1.30 -5.42 -5.60
N LEU A 31 -2.03 -6.32 -5.00
CA LEU A 31 -1.73 -6.82 -3.65
C LEU A 31 -0.39 -7.55 -3.73
N GLN A 32 0.60 -7.02 -3.00
CA GLN A 32 2.01 -7.47 -3.09
C GLN A 32 2.48 -7.21 -4.51
N PRO A 33 2.89 -5.99 -4.78
CA PRO A 33 3.18 -5.54 -6.12
C PRO A 33 4.67 -5.60 -6.48
N PRO A 34 4.99 -5.33 -7.76
CA PRO A 34 6.36 -5.17 -8.20
C PRO A 34 6.94 -3.88 -7.61
N PRO A 35 8.27 -3.69 -7.63
CA PRO A 35 8.93 -2.52 -7.02
C PRO A 35 8.37 -1.19 -7.52
N TRP A 36 7.96 -1.20 -8.77
CA TRP A 36 7.49 -0.01 -9.41
C TRP A 36 6.04 0.31 -9.08
N GLU A 37 5.38 -0.58 -8.38
CA GLU A 37 4.00 -0.45 -8.01
C GLU A 37 3.93 -0.29 -6.55
N CYS A 38 5.05 -0.37 -5.91
CA CYS A 38 5.07 -0.19 -4.53
C CYS A 38 5.18 1.31 -4.26
N TYR A 39 4.06 1.97 -4.27
CA TYR A 39 4.01 3.41 -4.15
C TYR A 39 4.00 3.79 -2.71
N GLN A 40 5.00 4.48 -2.25
CA GLN A 40 5.02 4.88 -0.89
C GLN A 40 4.10 6.06 -0.64
N CYS A 41 3.57 6.09 0.54
CA CYS A 41 2.71 7.15 0.97
C CYS A 41 3.59 8.27 1.51
N PCA B . -11.87 -1.06 -6.66
CA PCA B . -11.44 0.05 -7.51
CB PCA B . -12.66 0.91 -7.77
CG PCA B . -13.81 0.23 -7.08
CD PCA B . -13.17 -0.97 -6.38
OE PCA B . -13.79 -1.73 -5.66
C PCA B . -10.36 0.86 -6.83
O PCA B . -9.52 1.48 -7.46
H PCA B . -11.27 -1.77 -6.35
HA PCA B . -11.02 -0.33 -8.43
HB2 PCA B . -12.84 0.98 -8.84
HB3 PCA B . -12.51 1.91 -7.36
HG2 PCA B . -14.55 -0.14 -7.80
HG3 PCA B . -14.28 0.90 -6.36
N GLU A 1 -9.06 -0.41 -7.15
CA GLU A 1 -8.86 0.17 -5.83
C GLU A 1 -7.44 -0.13 -5.37
N ALA A 2 -6.77 0.87 -4.86
CA ALA A 2 -5.42 0.66 -4.43
C ALA A 2 -5.40 -0.03 -3.08
N PHE A 3 -4.46 -0.90 -2.92
CA PHE A 3 -4.26 -1.66 -1.73
C PHE A 3 -3.35 -0.88 -0.83
N CYS A 4 -3.60 -0.87 0.44
CA CYS A 4 -2.85 -0.02 1.34
C CYS A 4 -1.95 -0.82 2.25
N PHE A 5 -0.75 -0.30 2.47
CA PHE A 5 0.26 -0.96 3.26
C PHE A 5 0.86 0.04 4.27
N SER A 6 0.91 -0.35 5.53
CA SER A 6 1.45 0.51 6.59
C SER A 6 2.96 0.63 6.50
N ASP A 7 3.59 -0.42 6.04
CA ASP A 7 5.03 -0.45 5.90
C ASP A 7 5.40 0.10 4.57
N ARG A 8 6.53 0.76 4.53
CA ARG A 8 6.99 1.52 3.36
C ARG A 8 7.19 0.67 2.15
N PHE A 9 7.57 -0.54 2.34
CA PHE A 9 7.94 -1.36 1.23
C PHE A 9 6.85 -2.34 0.84
N CYS A 10 5.60 -1.95 1.09
CA CYS A 10 4.43 -2.76 0.70
C CYS A 10 4.49 -4.15 1.34
N GLN A 11 4.98 -4.19 2.55
CA GLN A 11 5.14 -5.44 3.24
C GLN A 11 3.87 -5.87 3.97
N ASN A 12 3.25 -4.96 4.66
CA ASN A 12 2.03 -5.26 5.42
C ASN A 12 0.82 -4.62 4.84
N TYR A 13 -0.04 -5.42 4.26
CA TYR A 13 -1.28 -4.94 3.71
C TYR A 13 -2.36 -4.95 4.77
N ILE A 14 -3.09 -3.85 4.81
CA ILE A 14 -4.04 -3.59 5.88
C ILE A 14 -5.45 -3.36 5.36
N GLY A 15 -5.68 -3.85 4.18
CA GLY A 15 -6.93 -3.65 3.50
C GLY A 15 -6.85 -2.45 2.60
N SER A 16 -7.93 -2.18 1.93
CA SER A 16 -8.01 -1.06 1.04
C SER A 16 -9.10 -0.13 1.53
N ILE A 17 -8.67 0.92 2.15
CA ILE A 17 -9.56 1.88 2.75
C ILE A 17 -9.44 3.21 2.02
N PRO A 18 -10.53 3.99 1.95
CA PRO A 18 -10.57 5.28 1.22
C PRO A 18 -9.52 6.32 1.68
N ASP A 19 -9.13 6.29 2.96
CA ASP A 19 -8.09 7.21 3.47
C ASP A 19 -6.72 6.62 3.23
N CYS A 20 -6.75 5.35 2.91
CA CYS A 20 -5.61 4.51 2.59
C CYS A 20 -4.50 4.50 3.65
N CYS A 21 -3.54 5.40 3.55
CA CYS A 21 -2.45 5.37 4.47
C CYS A 21 -2.71 6.18 5.71
N PHE A 22 -3.21 5.51 6.74
CA PHE A 22 -3.30 6.11 8.04
C PHE A 22 -1.88 6.19 8.54
N GLY A 23 -1.24 5.05 8.52
CA GLY A 23 0.15 4.97 8.75
C GLY A 23 0.82 5.21 7.42
N ARG A 24 1.79 6.07 7.37
CA ARG A 24 2.41 6.46 6.12
C ARG A 24 3.32 5.36 5.59
N GLY A 25 2.75 4.51 4.78
CA GLY A 25 3.49 3.43 4.25
C GLY A 25 3.56 3.48 2.76
N SER A 26 2.79 2.65 2.14
CA SER A 26 2.75 2.52 0.71
C SER A 26 1.41 1.99 0.31
N TYR A 27 1.20 1.88 -0.94
CA TYR A 27 0.00 1.37 -1.49
C TYR A 27 0.32 0.91 -2.90
N SER A 28 -0.59 0.21 -3.50
CA SER A 28 -0.35 -0.31 -4.81
C SER A 28 -1.65 -0.67 -5.48
N PHE A 29 -1.63 -1.01 -6.75
CA PHE A 29 -2.85 -1.39 -7.43
C PHE A 29 -2.95 -2.90 -7.51
N GLU A 30 -1.94 -3.55 -6.98
CA GLU A 30 -1.87 -4.98 -6.93
C GLU A 30 -1.44 -5.41 -5.53
N LEU A 31 -2.16 -6.36 -4.97
CA LEU A 31 -1.87 -6.84 -3.63
C LEU A 31 -0.59 -7.65 -3.73
N GLN A 32 0.46 -7.19 -3.02
CA GLN A 32 1.82 -7.72 -3.13
C GLN A 32 2.30 -7.43 -4.55
N PRO A 33 2.79 -6.22 -4.78
CA PRO A 33 3.07 -5.73 -6.10
C PRO A 33 4.55 -5.80 -6.50
N PRO A 34 4.84 -5.47 -7.78
CA PRO A 34 6.19 -5.32 -8.29
C PRO A 34 6.79 -4.00 -7.78
N PRO A 35 8.13 -3.78 -7.92
CA PRO A 35 8.80 -2.58 -7.40
C PRO A 35 8.18 -1.28 -7.93
N TRP A 36 7.68 -1.35 -9.13
CA TRP A 36 7.15 -0.21 -9.83
C TRP A 36 5.70 0.09 -9.42
N GLU A 37 5.19 -0.68 -8.51
CA GLU A 37 3.85 -0.56 -8.04
C GLU A 37 3.88 -0.30 -6.58
N CYS A 38 5.04 -0.34 -6.01
CA CYS A 38 5.13 -0.10 -4.64
C CYS A 38 5.26 1.41 -4.41
N TYR A 39 4.13 2.08 -4.40
CA TYR A 39 4.10 3.51 -4.28
C TYR A 39 4.09 3.90 -2.83
N GLN A 40 5.01 4.68 -2.38
CA GLN A 40 5.00 5.09 -1.00
C GLN A 40 4.00 6.22 -0.75
N CYS A 41 3.48 6.24 0.45
CA CYS A 41 2.58 7.26 0.91
C CYS A 41 3.38 8.34 1.60
N PCA B . -9.17 -2.15 -9.14
CA PCA B . -8.67 -0.82 -9.46
CB PCA B . -9.72 -0.15 -10.30
CG PCA B . -10.62 -1.27 -10.77
CD PCA B . -10.29 -2.41 -9.82
OE PCA B . -10.98 -3.41 -9.70
C PCA B . -8.39 -0.03 -8.20
O PCA B . -7.51 0.87 -8.18
H PCA B . -8.73 -2.78 -8.52
HA PCA B . -7.73 -0.89 -9.99
HB2 PCA B . -9.27 0.36 -11.15
HB3 PCA B . -10.29 0.56 -9.69
HG2 PCA B . -10.37 -1.56 -11.78
HG3 PCA B . -11.67 -0.97 -10.69
N GLU A 1 -9.47 1.64 -6.27
CA GLU A 1 -8.96 1.26 -4.98
C GLU A 1 -7.60 0.64 -5.11
N ALA A 2 -6.59 1.40 -4.79
CA ALA A 2 -5.26 0.86 -4.72
C ALA A 2 -5.16 0.13 -3.38
N PHE A 3 -4.30 -0.80 -3.29
CA PHE A 3 -4.11 -1.57 -2.11
C PHE A 3 -3.22 -0.79 -1.19
N CYS A 4 -3.54 -0.73 0.05
CA CYS A 4 -2.85 0.14 0.96
C CYS A 4 -1.98 -0.63 1.91
N PHE A 5 -0.80 -0.11 2.16
CA PHE A 5 0.18 -0.74 3.00
C PHE A 5 0.63 0.22 4.08
N SER A 6 0.65 -0.26 5.31
CA SER A 6 0.99 0.53 6.47
C SER A 6 2.49 0.72 6.57
N ASP A 7 3.20 -0.05 5.82
CA ASP A 7 4.63 -0.01 5.84
C ASP A 7 5.15 0.49 4.53
N ARG A 8 6.28 1.12 4.57
CA ARG A 8 6.85 1.85 3.44
C ARG A 8 7.17 0.98 2.26
N PHE A 9 7.58 -0.22 2.50
CA PHE A 9 8.05 -1.07 1.43
C PHE A 9 7.01 -2.11 1.02
N CYS A 10 5.73 -1.77 1.20
CA CYS A 10 4.61 -2.61 0.76
C CYS A 10 4.66 -3.99 1.43
N GLN A 11 5.13 -4.02 2.66
CA GLN A 11 5.22 -5.26 3.40
C GLN A 11 3.89 -5.63 4.05
N ASN A 12 3.28 -4.68 4.71
CA ASN A 12 2.04 -4.94 5.44
C ASN A 12 0.87 -4.32 4.74
N TYR A 13 -0.02 -5.14 4.26
CA TYR A 13 -1.21 -4.68 3.60
C TYR A 13 -2.41 -4.70 4.52
N ILE A 14 -3.13 -3.61 4.50
CA ILE A 14 -4.20 -3.37 5.45
C ILE A 14 -5.55 -3.20 4.77
N GLY A 15 -5.61 -3.61 3.54
CA GLY A 15 -6.81 -3.49 2.78
C GLY A 15 -6.84 -2.21 1.99
N SER A 16 -7.91 -1.99 1.29
CA SER A 16 -8.12 -0.79 0.56
C SER A 16 -9.20 -0.01 1.28
N ILE A 17 -8.78 0.67 2.30
CA ILE A 17 -9.65 1.40 3.17
C ILE A 17 -9.67 2.87 2.77
N PRO A 18 -10.76 3.62 3.12
CA PRO A 18 -10.91 5.05 2.81
C PRO A 18 -9.68 5.90 3.15
N ASP A 19 -9.15 5.74 4.35
CA ASP A 19 -7.96 6.51 4.80
C ASP A 19 -6.72 6.03 4.07
N CYS A 20 -6.79 4.79 3.64
CA CYS A 20 -5.75 4.07 2.91
C CYS A 20 -4.47 3.90 3.71
N CYS A 21 -3.71 4.94 3.84
CA CYS A 21 -2.45 4.89 4.50
C CYS A 21 -2.66 5.10 5.99
N PHE A 22 -2.98 3.98 6.67
CA PHE A 22 -3.32 3.93 8.09
C PHE A 22 -2.31 4.72 8.94
N GLY A 23 -1.05 4.50 8.68
CA GLY A 23 -0.01 5.21 9.35
C GLY A 23 1.07 5.50 8.35
N ARG A 24 0.64 6.11 7.22
CA ARG A 24 1.49 6.38 6.05
C ARG A 24 1.96 5.05 5.47
N GLY A 25 2.86 5.05 4.53
CA GLY A 25 3.39 3.80 4.09
C GLY A 25 3.56 3.72 2.62
N SER A 26 2.78 2.88 2.01
CA SER A 26 2.82 2.66 0.59
C SER A 26 1.46 2.15 0.12
N TYR A 27 1.33 1.96 -1.16
CA TYR A 27 0.13 1.46 -1.76
C TYR A 27 0.49 0.96 -3.13
N SER A 28 -0.41 0.26 -3.77
CA SER A 28 -0.14 -0.31 -5.06
C SER A 28 -1.43 -0.68 -5.77
N PHE A 29 -1.38 -1.05 -7.03
CA PHE A 29 -2.58 -1.44 -7.75
C PHE A 29 -2.71 -2.96 -7.78
N GLU A 30 -1.77 -3.63 -7.13
CA GLU A 30 -1.80 -5.08 -7.00
C GLU A 30 -1.49 -5.47 -5.56
N LEU A 31 -2.15 -6.50 -5.07
CA LEU A 31 -1.96 -6.98 -3.72
C LEU A 31 -0.62 -7.69 -3.68
N GLN A 32 0.31 -7.12 -2.89
CA GLN A 32 1.73 -7.50 -2.86
C GLN A 32 2.29 -7.33 -4.27
N PRO A 33 2.73 -6.13 -4.58
CA PRO A 33 3.00 -5.73 -5.93
C PRO A 33 4.45 -6.00 -6.37
N PRO A 34 4.73 -5.80 -7.66
CA PRO A 34 6.08 -5.83 -8.19
C PRO A 34 6.83 -4.55 -7.78
N PRO A 35 8.17 -4.49 -7.98
CA PRO A 35 8.99 -3.35 -7.54
C PRO A 35 8.49 -2.02 -8.09
N TRP A 36 7.95 -2.07 -9.27
CA TRP A 36 7.53 -0.89 -9.97
C TRP A 36 6.15 -0.40 -9.54
N GLU A 37 5.55 -1.11 -8.61
CA GLU A 37 4.22 -0.81 -8.16
C GLU A 37 4.24 -0.51 -6.71
N CYS A 38 5.40 -0.54 -6.14
CA CYS A 38 5.47 -0.27 -4.76
C CYS A 38 5.61 1.23 -4.52
N TYR A 39 4.49 1.92 -4.56
CA TYR A 39 4.45 3.37 -4.46
C TYR A 39 4.38 3.77 -3.01
N GLN A 40 5.25 4.62 -2.56
CA GLN A 40 5.17 5.09 -1.21
C GLN A 40 4.08 6.11 -1.01
N CYS A 41 3.59 6.14 0.18
CA CYS A 41 2.60 7.04 0.61
C CYS A 41 3.22 7.86 1.72
N PCA B . -9.82 2.08 -8.82
CA PCA B . -10.42 3.05 -7.89
CB PCA B . -11.91 2.82 -7.94
CG PCA B . -12.15 1.74 -8.97
CD PCA B . -10.75 1.39 -9.47
OE PCA B . -10.54 0.57 -10.36
C PCA B . -9.90 2.83 -6.51
O PCA B . -9.83 3.76 -5.68
H PCA B . -8.85 1.97 -8.94
HA PCA B . -10.17 4.05 -8.18
HB2 PCA B . -12.43 3.73 -8.22
HB3 PCA B . -12.27 2.48 -6.96
HG2 PCA B . -12.74 2.12 -9.80
HG3 PCA B . -12.64 0.87 -8.52
N GLU A 1 -9.62 0.68 -6.26
CA GLU A 1 -9.01 1.20 -5.07
C GLU A 1 -7.68 0.51 -4.87
N ALA A 2 -6.73 1.20 -4.35
CA ALA A 2 -5.44 0.64 -4.17
C ALA A 2 -5.35 -0.16 -2.88
N PHE A 3 -4.57 -1.20 -2.92
CA PHE A 3 -4.30 -2.03 -1.79
C PHE A 3 -3.37 -1.26 -0.89
N CYS A 4 -3.63 -1.27 0.37
CA CYS A 4 -2.89 -0.40 1.25
C CYS A 4 -2.00 -1.17 2.16
N PHE A 5 -0.84 -0.61 2.44
CA PHE A 5 0.16 -1.22 3.26
C PHE A 5 0.64 -0.20 4.28
N SER A 6 0.60 -0.55 5.56
CA SER A 6 1.02 0.37 6.62
C SER A 6 2.52 0.54 6.59
N ASP A 7 3.19 -0.49 6.18
CA ASP A 7 4.62 -0.47 6.07
C ASP A 7 5.01 0.17 4.78
N ARG A 8 6.05 0.93 4.85
CA ARG A 8 6.54 1.75 3.74
C ARG A 8 6.99 0.92 2.57
N PHE A 9 7.44 -0.25 2.87
CA PHE A 9 8.02 -1.11 1.88
C PHE A 9 7.03 -2.15 1.39
N CYS A 10 5.72 -1.79 1.41
CA CYS A 10 4.62 -2.64 0.86
C CYS A 10 4.68 -4.09 1.34
N GLN A 11 5.07 -4.27 2.57
CA GLN A 11 5.15 -5.59 3.15
C GLN A 11 3.83 -6.05 3.78
N ASN A 12 3.23 -5.19 4.59
CA ASN A 12 2.02 -5.54 5.33
C ASN A 12 0.80 -4.88 4.76
N TYR A 13 -0.03 -5.68 4.16
CA TYR A 13 -1.26 -5.23 3.56
C TYR A 13 -2.41 -5.30 4.55
N ILE A 14 -3.13 -4.20 4.62
CA ILE A 14 -4.12 -3.98 5.64
C ILE A 14 -5.51 -3.77 5.05
N GLY A 15 -5.69 -4.25 3.87
CA GLY A 15 -6.94 -4.07 3.19
C GLY A 15 -6.89 -2.84 2.33
N SER A 16 -7.96 -2.52 1.68
CA SER A 16 -8.02 -1.34 0.89
C SER A 16 -8.86 -0.29 1.61
N ILE A 17 -8.22 0.41 2.52
CA ILE A 17 -8.87 1.44 3.30
C ILE A 17 -8.99 2.73 2.45
N PRO A 18 -10.09 3.48 2.62
CA PRO A 18 -10.38 4.70 1.83
C PRO A 18 -9.25 5.74 1.80
N ASP A 19 -8.64 5.99 2.94
CA ASP A 19 -7.57 6.98 3.04
C ASP A 19 -6.27 6.37 2.50
N CYS A 20 -6.09 5.10 2.83
CA CYS A 20 -5.02 4.25 2.37
C CYS A 20 -3.65 4.59 3.00
N CYS A 21 -3.64 5.48 3.99
CA CYS A 21 -2.39 5.89 4.61
C CYS A 21 -2.65 6.73 5.85
N PHE A 22 -2.81 6.08 7.00
CA PHE A 22 -3.04 6.80 8.24
C PHE A 22 -1.75 7.42 8.71
N GLY A 23 -0.76 6.59 8.87
CA GLY A 23 0.52 7.05 9.25
C GLY A 23 1.33 7.37 8.03
N ARG A 24 2.18 6.44 7.67
CA ARG A 24 2.98 6.55 6.49
C ARG A 24 3.34 5.16 6.01
N GLY A 25 2.77 4.77 4.92
CA GLY A 25 3.00 3.47 4.39
C GLY A 25 3.13 3.49 2.89
N SER A 26 2.45 2.61 2.25
CA SER A 26 2.49 2.44 0.82
C SER A 26 1.18 1.84 0.35
N TYR A 27 1.03 1.70 -0.93
CA TYR A 27 -0.16 1.16 -1.52
C TYR A 27 0.16 0.69 -2.94
N SER A 28 -0.78 0.04 -3.58
CA SER A 28 -0.56 -0.50 -4.90
C SER A 28 -1.87 -0.95 -5.57
N PHE A 29 -1.84 -1.25 -6.86
CA PHE A 29 -3.06 -1.68 -7.55
C PHE A 29 -3.11 -3.20 -7.64
N GLU A 30 -2.15 -3.83 -7.00
CA GLU A 30 -2.02 -5.29 -6.93
C GLU A 30 -1.71 -5.66 -5.48
N LEU A 31 -2.20 -6.78 -5.03
CA LEU A 31 -1.94 -7.25 -3.69
C LEU A 31 -0.53 -7.85 -3.69
N GLN A 32 0.42 -7.07 -3.13
CA GLN A 32 1.85 -7.36 -3.19
C GLN A 32 2.30 -7.17 -4.64
N PRO A 33 2.70 -5.96 -4.97
CA PRO A 33 2.95 -5.56 -6.34
C PRO A 33 4.42 -5.67 -6.76
N PRO A 34 4.70 -5.41 -8.06
CA PRO A 34 6.06 -5.30 -8.55
C PRO A 34 6.70 -4.01 -8.01
N PRO A 35 8.04 -3.85 -8.08
CA PRO A 35 8.76 -2.69 -7.52
C PRO A 35 8.22 -1.37 -8.02
N TRP A 36 7.71 -1.38 -9.23
CA TRP A 36 7.25 -0.18 -9.87
C TRP A 36 5.79 0.15 -9.52
N GLU A 37 5.19 -0.68 -8.69
CA GLU A 37 3.82 -0.51 -8.29
C GLU A 37 3.78 -0.39 -6.81
N CYS A 38 4.92 -0.43 -6.21
CA CYS A 38 4.99 -0.27 -4.81
C CYS A 38 5.07 1.22 -4.47
N TYR A 39 3.92 1.86 -4.46
CA TYR A 39 3.82 3.30 -4.30
C TYR A 39 3.80 3.68 -2.86
N GLN A 40 4.61 4.61 -2.48
CA GLN A 40 4.54 5.12 -1.16
C GLN A 40 3.60 6.26 -1.06
N CYS A 41 3.06 6.42 0.09
CA CYS A 41 2.19 7.53 0.34
C CYS A 41 3.03 8.69 0.87
N PCA B . -10.26 -0.86 -8.27
CA PCA B . -10.21 0.57 -8.51
CB PCA B . -11.65 1.04 -8.65
CG PCA B . -12.50 -0.20 -8.57
CD PCA B . -11.48 -1.33 -8.41
OE PCA B . -11.79 -2.53 -8.44
C PCA B . -9.54 1.28 -7.38
O PCA B . -8.94 2.33 -7.55
H PCA B . -9.47 -1.40 -8.02
HA PCA B . -9.65 0.78 -9.39
HB2 PCA B . -11.79 1.53 -9.60
HB3 PCA B . -11.90 1.72 -7.83
HG2 PCA B . -13.06 -0.36 -9.49
HG3 PCA B . -13.17 -0.15 -7.71
N GLU A 1 -10.06 1.49 -5.19
CA GLU A 1 -9.06 1.96 -4.29
C GLU A 1 -7.74 1.22 -4.50
N ALA A 2 -6.74 1.59 -3.79
CA ALA A 2 -5.48 0.92 -3.88
C ALA A 2 -5.34 0.01 -2.67
N PHE A 3 -4.51 -0.98 -2.81
CA PHE A 3 -4.20 -1.92 -1.76
C PHE A 3 -3.27 -1.21 -0.83
N CYS A 4 -3.53 -1.21 0.41
CA CYS A 4 -2.78 -0.39 1.33
C CYS A 4 -1.89 -1.20 2.23
N PHE A 5 -0.75 -0.64 2.53
CA PHE A 5 0.27 -1.30 3.31
C PHE A 5 0.75 -0.34 4.38
N SER A 6 0.80 -0.79 5.61
CA SER A 6 1.29 0.05 6.70
C SER A 6 2.80 0.20 6.61
N ASP A 7 3.43 -0.79 6.04
CA ASP A 7 4.85 -0.80 5.92
C ASP A 7 5.33 -0.14 4.69
N ARG A 8 6.48 0.46 4.83
CA ARG A 8 7.10 1.36 3.84
C ARG A 8 7.58 0.63 2.60
N PHE A 9 7.65 -0.66 2.67
CA PHE A 9 8.17 -1.45 1.60
C PHE A 9 7.11 -2.39 1.04
N CYS A 10 5.83 -2.03 1.25
CA CYS A 10 4.67 -2.83 0.77
C CYS A 10 4.74 -4.27 1.30
N GLN A 11 5.20 -4.41 2.52
CA GLN A 11 5.36 -5.72 3.15
C GLN A 11 4.06 -6.18 3.81
N ASN A 12 3.44 -5.29 4.56
CA ASN A 12 2.23 -5.63 5.31
C ASN A 12 1.03 -4.95 4.75
N TYR A 13 0.18 -5.73 4.14
CA TYR A 13 -1.04 -5.25 3.55
C TYR A 13 -2.20 -5.36 4.51
N ILE A 14 -2.98 -4.29 4.56
CA ILE A 14 -3.99 -4.12 5.59
C ILE A 14 -5.38 -3.91 4.97
N GLY A 15 -5.53 -4.36 3.76
CA GLY A 15 -6.77 -4.16 3.03
C GLY A 15 -6.71 -2.93 2.14
N SER A 16 -7.77 -2.65 1.47
CA SER A 16 -7.85 -1.52 0.60
C SER A 16 -8.82 -0.51 1.19
N ILE A 17 -8.31 0.38 2.01
CA ILE A 17 -9.13 1.38 2.61
C ILE A 17 -9.06 2.67 1.79
N PRO A 18 -10.20 3.39 1.65
CA PRO A 18 -10.30 4.63 0.86
C PRO A 18 -9.20 5.66 1.16
N ASP A 19 -9.11 6.09 2.43
CA ASP A 19 -8.12 7.09 2.84
C ASP A 19 -6.74 6.55 2.64
N CYS A 20 -6.60 5.27 2.92
CA CYS A 20 -5.38 4.49 2.73
C CYS A 20 -4.28 4.91 3.69
N CYS A 21 -3.77 6.09 3.52
CA CYS A 21 -2.67 6.56 4.28
C CYS A 21 -3.13 7.28 5.53
N PHE A 22 -3.39 6.52 6.56
CA PHE A 22 -3.61 7.09 7.89
C PHE A 22 -2.24 7.35 8.42
N GLY A 23 -1.40 6.44 8.06
CA GLY A 23 -0.04 6.53 8.25
C GLY A 23 0.57 6.40 6.88
N ARG A 24 1.66 7.06 6.61
CA ARG A 24 2.22 6.96 5.27
C ARG A 24 3.01 5.67 5.12
N GLY A 25 2.32 4.63 4.77
CA GLY A 25 2.95 3.38 4.56
C GLY A 25 3.25 3.23 3.11
N SER A 26 2.46 2.43 2.45
CA SER A 26 2.54 2.23 1.02
C SER A 26 1.17 1.82 0.54
N TYR A 27 1.04 1.66 -0.73
CA TYR A 27 -0.15 1.19 -1.37
C TYR A 27 0.22 0.82 -2.77
N SER A 28 -0.67 0.14 -3.45
CA SER A 28 -0.42 -0.29 -4.79
C SER A 28 -1.72 -0.64 -5.47
N PHE A 29 -1.68 -0.89 -6.77
CA PHE A 29 -2.88 -1.24 -7.50
C PHE A 29 -3.00 -2.74 -7.63
N GLU A 30 -2.01 -3.45 -7.13
CA GLU A 30 -1.99 -4.90 -7.13
C GLU A 30 -1.63 -5.41 -5.73
N LEU A 31 -2.29 -6.48 -5.30
CA LEU A 31 -2.05 -7.06 -3.99
C LEU A 31 -0.66 -7.70 -4.03
N GLN A 32 0.27 -7.13 -3.25
CA GLN A 32 1.71 -7.49 -3.28
C GLN A 32 2.23 -7.19 -4.67
N PRO A 33 2.70 -5.99 -4.88
CA PRO A 33 2.99 -5.48 -6.19
C PRO A 33 4.45 -5.64 -6.62
N PRO A 34 4.73 -5.32 -7.90
CA PRO A 34 6.08 -5.22 -8.40
C PRO A 34 6.73 -3.96 -7.85
N PRO A 35 8.07 -3.84 -7.90
CA PRO A 35 8.81 -2.71 -7.30
C PRO A 35 8.29 -1.36 -7.74
N TRP A 36 7.85 -1.31 -8.97
CA TRP A 36 7.41 -0.09 -9.58
C TRP A 36 6.00 0.32 -9.15
N GLU A 37 5.33 -0.56 -8.44
CA GLU A 37 3.98 -0.35 -8.00
C GLU A 37 4.00 -0.20 -6.53
N CYS A 38 5.16 -0.24 -5.96
CA CYS A 38 5.23 -0.08 -4.58
C CYS A 38 5.31 1.40 -4.22
N TYR A 39 4.15 2.02 -4.16
CA TYR A 39 4.05 3.43 -3.89
C TYR A 39 4.02 3.62 -2.40
N GLN A 40 5.01 4.24 -1.85
CA GLN A 40 5.07 4.40 -0.42
C GLN A 40 4.43 5.69 0.09
N CYS A 41 3.50 6.19 -0.69
CA CYS A 41 2.62 7.29 -0.30
C CYS A 41 3.43 8.56 -0.01
N PCA B . -11.95 1.35 -6.95
CA PCA B . -11.52 0.06 -6.39
CB PCA B . -10.76 -0.65 -7.50
CG PCA B . -10.60 0.36 -8.62
CD PCA B . -11.34 1.59 -8.13
OE PCA B . -11.34 2.66 -8.73
C PCA B . -10.59 0.29 -5.22
O PCA B . -10.47 -0.56 -4.31
H PCA B . -12.62 1.93 -6.51
HA PCA B . -12.36 -0.51 -6.05
HB2 PCA B . -11.33 -1.52 -7.85
HB3 PCA B . -9.79 -0.97 -7.14
HG2 PCA B . -11.07 0.01 -9.54
HG3 PCA B . -9.54 0.58 -8.78
N GLU A 1 -9.38 -0.39 -6.42
CA GLU A 1 -8.89 0.73 -5.66
C GLU A 1 -7.48 0.33 -5.25
N ALA A 2 -6.64 1.27 -4.92
CA ALA A 2 -5.28 0.95 -4.54
C ALA A 2 -5.26 0.27 -3.17
N PHE A 3 -4.48 -0.75 -3.09
CA PHE A 3 -4.30 -1.57 -1.93
C PHE A 3 -3.39 -0.84 -0.99
N CYS A 4 -3.67 -0.89 0.28
CA CYS A 4 -2.93 -0.09 1.23
C CYS A 4 -2.05 -0.94 2.11
N PHE A 5 -0.86 -0.46 2.35
CA PHE A 5 0.13 -1.15 3.13
C PHE A 5 0.70 -0.21 4.17
N SER A 6 0.65 -0.63 5.41
CA SER A 6 1.08 0.20 6.51
C SER A 6 2.60 0.33 6.56
N ASP A 7 3.27 -0.72 6.14
CA ASP A 7 4.72 -0.70 6.08
C ASP A 7 5.16 -0.11 4.78
N ARG A 8 6.29 0.53 4.81
CA ARG A 8 6.78 1.34 3.69
C ARG A 8 7.00 0.54 2.44
N PHE A 9 7.46 -0.66 2.58
CA PHE A 9 7.82 -1.44 1.41
C PHE A 9 6.76 -2.44 1.04
N CYS A 10 5.50 -2.07 1.28
CA CYS A 10 4.35 -2.88 0.87
C CYS A 10 4.39 -4.26 1.52
N GLN A 11 4.86 -4.31 2.75
CA GLN A 11 4.94 -5.58 3.44
C GLN A 11 3.65 -6.00 4.16
N ASN A 12 2.96 -5.06 4.80
CA ASN A 12 1.68 -5.39 5.43
C ASN A 12 0.51 -4.78 4.75
N TYR A 13 -0.24 -5.58 4.05
CA TYR A 13 -1.46 -5.13 3.45
C TYR A 13 -2.57 -5.18 4.45
N ILE A 14 -3.26 -4.09 4.55
CA ILE A 14 -4.23 -3.88 5.59
C ILE A 14 -5.62 -3.65 5.01
N GLY A 15 -5.75 -4.02 3.77
CA GLY A 15 -6.95 -3.80 3.04
C GLY A 15 -6.86 -2.50 2.29
N SER A 16 -7.87 -2.15 1.59
CA SER A 16 -7.93 -0.88 0.98
C SER A 16 -8.80 -0.01 1.84
N ILE A 17 -8.18 0.67 2.76
CA ILE A 17 -8.90 1.50 3.69
C ILE A 17 -9.14 2.89 3.08
N PRO A 18 -10.26 3.55 3.45
CA PRO A 18 -10.71 4.83 2.86
C PRO A 18 -9.60 5.88 2.67
N ASP A 19 -8.95 6.28 3.74
CA ASP A 19 -7.88 7.29 3.66
C ASP A 19 -6.65 6.68 3.04
N CYS A 20 -6.49 5.38 3.29
CA CYS A 20 -5.39 4.55 2.79
C CYS A 20 -4.09 4.84 3.53
N CYS A 21 -3.75 6.10 3.65
CA CYS A 21 -2.55 6.51 4.32
C CYS A 21 -2.79 6.73 5.80
N PHE A 22 -3.83 6.08 6.30
CA PHE A 22 -4.13 5.98 7.71
C PHE A 22 -2.94 5.24 8.33
N GLY A 23 -2.56 4.19 7.65
CA GLY A 23 -1.35 3.50 7.92
C GLY A 23 -0.39 3.91 6.84
N ARG A 24 0.17 5.10 7.00
CA ARG A 24 1.00 5.74 5.99
C ARG A 24 2.30 5.01 5.71
N GLY A 25 2.21 4.04 4.86
CA GLY A 25 3.35 3.34 4.43
C GLY A 25 3.48 3.37 2.96
N SER A 26 2.71 2.57 2.34
CA SER A 26 2.71 2.42 0.91
C SER A 26 1.35 1.95 0.46
N TYR A 27 1.20 1.84 -0.81
CA TYR A 27 0.00 1.40 -1.41
C TYR A 27 0.35 0.97 -2.82
N SER A 28 -0.52 0.29 -3.46
CA SER A 28 -0.25 -0.19 -4.78
C SER A 28 -1.56 -0.47 -5.49
N PHE A 29 -1.52 -0.75 -6.76
CA PHE A 29 -2.75 -1.06 -7.46
C PHE A 29 -2.94 -2.55 -7.58
N GLU A 30 -1.93 -3.28 -7.14
CA GLU A 30 -1.93 -4.73 -7.09
C GLU A 30 -1.51 -5.19 -5.71
N LEU A 31 -2.21 -6.16 -5.17
CA LEU A 31 -1.94 -6.70 -3.85
C LEU A 31 -0.63 -7.48 -3.95
N GLN A 32 0.38 -7.09 -3.15
CA GLN A 32 1.75 -7.66 -3.23
C GLN A 32 2.29 -7.34 -4.61
N PRO A 33 2.78 -6.13 -4.79
CA PRO A 33 3.09 -5.60 -6.08
C PRO A 33 4.58 -5.64 -6.50
N PRO A 34 4.83 -5.40 -7.79
CA PRO A 34 6.19 -5.28 -8.34
C PRO A 34 6.82 -3.93 -7.93
N PRO A 35 8.15 -3.73 -8.19
CA PRO A 35 8.88 -2.52 -7.78
C PRO A 35 8.29 -1.24 -8.39
N TRP A 36 7.55 -1.38 -9.45
CA TRP A 36 6.98 -0.27 -10.13
C TRP A 36 5.55 0.01 -9.66
N GLU A 37 5.14 -0.68 -8.60
CA GLU A 37 3.85 -0.56 -8.04
C GLU A 37 3.94 -0.34 -6.56
N CYS A 38 5.11 -0.46 -6.00
CA CYS A 38 5.21 -0.28 -4.59
C CYS A 38 5.40 1.21 -4.29
N TYR A 39 4.30 1.93 -4.28
CA TYR A 39 4.33 3.37 -4.10
C TYR A 39 4.27 3.71 -2.64
N GLN A 40 5.19 4.47 -2.15
CA GLN A 40 5.12 4.90 -0.78
C GLN A 40 4.18 6.07 -0.65
N CYS A 41 3.65 6.24 0.52
CA CYS A 41 2.79 7.34 0.78
C CYS A 41 3.60 8.43 1.46
N PCA B . -9.46 -2.54 -7.88
CA PCA B . -10.63 -1.65 -7.93
CB PCA B . -11.73 -2.34 -7.17
CG PCA B . -11.15 -3.63 -6.62
CD PCA B . -9.71 -3.60 -7.12
OE PCA B . -8.90 -4.48 -6.83
C PCA B . -10.31 -0.32 -7.29
O PCA B . -10.88 0.72 -7.61
H PCA B . -8.60 -2.38 -8.31
HA PCA B . -10.90 -1.47 -8.95
HB2 PCA B . -12.57 -2.56 -7.84
HB3 PCA B . -12.08 -1.71 -6.36
HG2 PCA B . -11.66 -4.51 -7.03
HG3 PCA B . -11.20 -3.63 -5.54
N GLU A 1 -10.12 0.97 -5.77
CA GLU A 1 -9.30 1.21 -4.60
C GLU A 1 -7.98 0.50 -4.73
N ALA A 2 -6.93 1.17 -4.36
CA ALA A 2 -5.62 0.59 -4.38
C ALA A 2 -5.43 -0.24 -3.11
N PHE A 3 -4.43 -1.03 -3.10
CA PHE A 3 -4.11 -1.86 -1.97
C PHE A 3 -3.17 -1.09 -1.11
N CYS A 4 -3.46 -0.98 0.14
CA CYS A 4 -2.70 -0.10 0.98
C CYS A 4 -1.89 -0.85 2.00
N PHE A 5 -0.69 -0.37 2.22
CA PHE A 5 0.28 -1.00 3.08
C PHE A 5 0.81 0.01 4.08
N SER A 6 0.73 -0.31 5.34
CA SER A 6 1.14 0.62 6.40
C SER A 6 2.65 0.71 6.45
N ASP A 7 3.31 -0.31 6.00
CA ASP A 7 4.74 -0.32 5.98
C ASP A 7 5.22 0.13 4.64
N ARG A 8 6.34 0.80 4.64
CA ARG A 8 6.85 1.53 3.47
C ARG A 8 7.23 0.67 2.31
N PHE A 9 7.53 -0.58 2.54
CA PHE A 9 7.99 -1.42 1.45
C PHE A 9 6.96 -2.43 1.01
N CYS A 10 5.68 -2.07 1.17
CA CYS A 10 4.56 -2.89 0.71
C CYS A 10 4.58 -4.28 1.35
N GLN A 11 5.03 -4.34 2.59
CA GLN A 11 5.08 -5.58 3.31
C GLN A 11 3.76 -5.90 4.01
N ASN A 12 3.21 -4.94 4.70
CA ASN A 12 1.99 -5.18 5.47
C ASN A 12 0.80 -4.49 4.87
N TYR A 13 -0.05 -5.29 4.27
CA TYR A 13 -1.26 -4.82 3.66
C TYR A 13 -2.39 -4.82 4.66
N ILE A 14 -3.06 -3.71 4.71
CA ILE A 14 -4.05 -3.41 5.73
C ILE A 14 -5.44 -3.29 5.13
N GLY A 15 -5.55 -3.83 3.96
CA GLY A 15 -6.77 -3.76 3.22
C GLY A 15 -6.77 -2.57 2.30
N SER A 16 -7.83 -2.41 1.60
CA SER A 16 -7.98 -1.29 0.74
C SER A 16 -8.96 -0.34 1.40
N ILE A 17 -8.45 0.32 2.42
CA ILE A 17 -9.22 1.20 3.26
C ILE A 17 -9.42 2.55 2.58
N PRO A 18 -10.53 3.25 2.91
CA PRO A 18 -10.88 4.58 2.34
C PRO A 18 -9.76 5.62 2.41
N ASP A 19 -9.12 5.74 3.57
CA ASP A 19 -8.04 6.73 3.74
C ASP A 19 -6.74 6.24 3.20
N CYS A 20 -6.69 4.95 2.92
CA CYS A 20 -5.53 4.21 2.41
C CYS A 20 -4.41 4.12 3.47
N CYS A 21 -3.98 5.25 3.94
CA CYS A 21 -2.95 5.29 4.92
C CYS A 21 -3.42 6.17 6.04
N PHE A 22 -3.51 5.63 7.23
CA PHE A 22 -3.80 6.46 8.38
C PHE A 22 -2.57 7.25 8.69
N GLY A 23 -1.45 6.57 8.61
CA GLY A 23 -0.20 7.19 8.80
C GLY A 23 0.52 7.29 7.48
N ARG A 24 1.71 6.76 7.42
CA ARG A 24 2.48 6.73 6.20
C ARG A 24 2.91 5.32 5.91
N GLY A 25 3.02 4.99 4.64
CA GLY A 25 3.36 3.66 4.23
C GLY A 25 3.56 3.58 2.74
N SER A 26 2.84 2.70 2.12
CA SER A 26 2.89 2.50 0.68
C SER A 26 1.56 1.92 0.23
N TYR A 27 1.41 1.72 -1.04
CA TYR A 27 0.22 1.15 -1.61
C TYR A 27 0.53 0.71 -3.01
N SER A 28 -0.41 0.05 -3.64
CA SER A 28 -0.21 -0.44 -4.96
C SER A 28 -1.55 -0.75 -5.62
N PHE A 29 -1.54 -1.10 -6.88
CA PHE A 29 -2.76 -1.46 -7.57
C PHE A 29 -2.88 -2.96 -7.70
N GLU A 30 -1.86 -3.65 -7.23
CA GLU A 30 -1.84 -5.11 -7.21
C GLU A 30 -1.44 -5.57 -5.80
N LEU A 31 -2.12 -6.59 -5.28
CA LEU A 31 -1.85 -7.08 -3.94
C LEU A 31 -0.48 -7.77 -3.93
N GLN A 32 0.45 -7.18 -3.18
CA GLN A 32 1.88 -7.57 -3.16
C GLN A 32 2.42 -7.33 -4.56
N PRO A 33 2.84 -6.12 -4.83
CA PRO A 33 3.12 -5.69 -6.16
C PRO A 33 4.58 -5.84 -6.58
N PRO A 34 4.85 -5.62 -7.87
CA PRO A 34 6.20 -5.57 -8.40
C PRO A 34 6.89 -4.28 -7.91
N PRO A 35 8.23 -4.19 -8.03
CA PRO A 35 9.01 -3.04 -7.53
C PRO A 35 8.50 -1.71 -8.06
N TRP A 36 7.92 -1.75 -9.22
CA TRP A 36 7.46 -0.56 -9.90
C TRP A 36 6.05 -0.14 -9.46
N GLU A 37 5.41 -0.96 -8.65
CA GLU A 37 4.07 -0.72 -8.23
C GLU A 37 4.06 -0.50 -6.76
N CYS A 38 5.21 -0.54 -6.16
CA CYS A 38 5.27 -0.31 -4.78
C CYS A 38 5.40 1.20 -4.54
N TYR A 39 4.27 1.88 -4.53
CA TYR A 39 4.24 3.33 -4.42
C TYR A 39 4.23 3.72 -2.97
N GLN A 40 5.10 4.60 -2.58
CA GLN A 40 5.07 5.07 -1.23
C GLN A 40 3.93 6.05 -0.96
N CYS A 41 3.49 6.02 0.25
CA CYS A 41 2.40 6.82 0.73
C CYS A 41 2.93 7.63 1.90
N PCA B . -11.46 -0.06 -7.73
CA PCA B . -11.03 1.33 -7.89
CB PCA B . -12.28 2.18 -7.76
CG PCA B . -13.43 1.21 -7.57
CD PCA B . -12.78 -0.14 -7.50
OE PCA B . -13.39 -1.17 -7.25
C PCA B . -10.06 1.70 -6.82
O PCA B . -9.20 2.59 -7.00
H PCA B . -10.85 -0.83 -7.80
HA PCA B . -10.56 1.48 -8.84
HB2 PCA B . -12.43 2.77 -8.66
HB3 PCA B . -12.20 2.83 -6.89
HG2 PCA B . -14.11 1.24 -8.41
HG3 PCA B . -13.97 1.43 -6.64
N GLU A 1 -9.57 -0.84 -6.37
CA GLU A 1 -8.89 0.30 -5.81
C GLU A 1 -7.41 0.02 -5.58
N ALA A 2 -6.74 0.95 -4.94
CA ALA A 2 -5.38 0.72 -4.61
C ALA A 2 -5.29 0.07 -3.24
N PHE A 3 -4.45 -0.89 -3.15
CA PHE A 3 -4.22 -1.68 -1.98
C PHE A 3 -3.31 -0.90 -1.07
N CYS A 4 -3.56 -0.93 0.20
CA CYS A 4 -2.83 -0.08 1.12
C CYS A 4 -1.96 -0.86 2.05
N PHE A 5 -0.80 -0.32 2.33
CA PHE A 5 0.20 -0.97 3.15
C PHE A 5 0.70 0.02 4.20
N SER A 6 0.68 -0.40 5.45
CA SER A 6 1.13 0.44 6.55
C SER A 6 2.63 0.61 6.54
N ASP A 7 3.34 -0.38 6.06
CA ASP A 7 4.76 -0.26 5.96
C ASP A 7 5.16 0.43 4.71
N ARG A 8 6.24 1.08 4.82
CA ARG A 8 6.81 1.92 3.79
C ARG A 8 7.24 1.12 2.58
N PHE A 9 7.52 -0.13 2.80
CA PHE A 9 8.06 -0.97 1.78
C PHE A 9 7.05 -1.99 1.31
N CYS A 10 5.76 -1.62 1.36
CA CYS A 10 4.63 -2.45 0.84
C CYS A 10 4.64 -3.88 1.36
N GLN A 11 5.05 -4.02 2.61
CA GLN A 11 5.07 -5.33 3.25
C GLN A 11 3.75 -5.70 3.91
N ASN A 12 3.17 -4.76 4.64
CA ASN A 12 1.96 -5.07 5.44
C ASN A 12 0.73 -4.47 4.83
N TYR A 13 -0.08 -5.30 4.20
CA TYR A 13 -1.30 -4.86 3.58
C TYR A 13 -2.45 -4.90 4.55
N ILE A 14 -3.24 -3.85 4.51
CA ILE A 14 -4.28 -3.62 5.50
C ILE A 14 -5.65 -3.46 4.85
N GLY A 15 -5.78 -3.94 3.66
CA GLY A 15 -7.01 -3.82 2.91
C GLY A 15 -6.98 -2.58 2.03
N SER A 16 -8.04 -2.35 1.33
CA SER A 16 -8.14 -1.20 0.50
C SER A 16 -9.13 -0.22 1.14
N ILE A 17 -8.58 0.65 1.97
CA ILE A 17 -9.36 1.59 2.73
C ILE A 17 -9.26 3.01 2.12
N PRO A 18 -10.33 3.83 2.25
CA PRO A 18 -10.38 5.22 1.71
C PRO A 18 -9.17 6.10 2.09
N ASP A 19 -8.85 6.15 3.38
CA ASP A 19 -7.73 7.00 3.86
C ASP A 19 -6.42 6.40 3.44
N CYS A 20 -6.44 5.08 3.32
CA CYS A 20 -5.34 4.26 2.83
C CYS A 20 -4.15 4.20 3.80
N CYS A 21 -3.40 5.27 3.89
CA CYS A 21 -2.23 5.30 4.73
C CYS A 21 -2.49 6.06 6.01
N PHE A 22 -2.63 5.33 7.08
CA PHE A 22 -2.87 5.90 8.40
C PHE A 22 -1.60 6.14 9.17
N GLY A 23 -0.59 5.36 8.88
CA GLY A 23 0.63 5.51 9.61
C GLY A 23 1.82 5.67 8.71
N ARG A 24 1.65 6.41 7.62
CA ARG A 24 2.69 6.66 6.61
C ARG A 24 3.21 5.36 6.00
N GLY A 25 2.61 4.94 4.91
CA GLY A 25 3.00 3.68 4.33
C GLY A 25 3.19 3.74 2.83
N SER A 26 2.55 2.85 2.16
CA SER A 26 2.65 2.69 0.73
C SER A 26 1.37 2.06 0.24
N TYR A 27 1.25 1.89 -1.05
CA TYR A 27 0.05 1.35 -1.64
C TYR A 27 0.40 0.84 -3.03
N SER A 28 -0.55 0.20 -3.67
CA SER A 28 -0.32 -0.36 -4.98
C SER A 28 -1.63 -0.73 -5.66
N PHE A 29 -1.60 -1.17 -6.90
CA PHE A 29 -2.82 -1.57 -7.55
C PHE A 29 -2.91 -3.08 -7.61
N GLU A 30 -1.97 -3.74 -6.95
CA GLU A 30 -1.95 -5.18 -6.82
C GLU A 30 -1.68 -5.54 -5.37
N LEU A 31 -2.29 -6.59 -4.89
CA LEU A 31 -2.06 -7.05 -3.54
C LEU A 31 -0.71 -7.78 -3.56
N GLN A 32 0.30 -7.10 -3.02
CA GLN A 32 1.71 -7.49 -3.11
C GLN A 32 2.17 -7.29 -4.54
N PRO A 33 2.65 -6.09 -4.84
CA PRO A 33 2.94 -5.71 -6.20
C PRO A 33 4.43 -5.85 -6.58
N PRO A 34 4.73 -5.62 -7.87
CA PRO A 34 6.11 -5.54 -8.34
C PRO A 34 6.75 -4.24 -7.84
N PRO A 35 8.09 -4.09 -7.91
CA PRO A 35 8.79 -2.91 -7.38
C PRO A 35 8.25 -1.62 -7.96
N TRP A 36 7.79 -1.69 -9.19
CA TRP A 36 7.32 -0.55 -9.90
C TRP A 36 5.86 -0.19 -9.56
N GLU A 37 5.25 -0.96 -8.71
CA GLU A 37 3.91 -0.73 -8.31
C GLU A 37 3.89 -0.48 -6.85
N CYS A 38 5.05 -0.52 -6.27
CA CYS A 38 5.15 -0.26 -4.89
C CYS A 38 5.29 1.25 -4.67
N TYR A 39 4.14 1.93 -4.68
CA TYR A 39 4.08 3.37 -4.56
C TYR A 39 4.06 3.76 -3.12
N GLN A 40 4.67 4.84 -2.76
CA GLN A 40 4.64 5.27 -1.39
C GLN A 40 3.69 6.38 -1.13
N CYS A 41 3.28 6.41 0.07
CA CYS A 41 2.42 7.44 0.57
C CYS A 41 3.25 8.59 1.07
N PCA B . -11.42 -2.26 -7.45
CA PCA B . -10.46 -3.00 -6.65
CB PCA B . -9.59 -3.78 -7.62
CG PCA B . -10.20 -3.55 -8.98
CD PCA B . -11.41 -2.67 -8.70
OE PCA B . -12.26 -2.38 -9.55
C PCA B . -9.63 -2.05 -5.84
O PCA B . -9.12 -2.38 -4.77
H PCA B . -11.99 -1.55 -7.07
HA PCA B . -10.96 -3.66 -5.96
HB2 PCA B . -9.60 -4.84 -7.37
HB3 PCA B . -8.57 -3.40 -7.59
HG2 PCA B . -10.53 -4.49 -9.42
HG3 PCA B . -9.48 -3.05 -9.63
N GLU A 1 -9.56 0.90 -6.35
CA GLU A 1 -9.10 1.10 -5.01
C GLU A 1 -7.68 0.59 -4.95
N ALA A 2 -6.82 1.28 -4.27
CA ALA A 2 -5.47 0.82 -4.11
C ALA A 2 -5.32 0.14 -2.76
N PHE A 3 -4.64 -0.98 -2.77
CA PHE A 3 -4.36 -1.79 -1.60
C PHE A 3 -3.49 -0.98 -0.69
N CYS A 4 -3.67 -1.08 0.57
CA CYS A 4 -2.96 -0.21 1.46
C CYS A 4 -2.04 -0.96 2.36
N PHE A 5 -0.90 -0.37 2.60
CA PHE A 5 0.14 -0.94 3.38
C PHE A 5 0.58 0.08 4.41
N SER A 6 0.74 -0.37 5.62
CA SER A 6 1.19 0.47 6.70
C SER A 6 2.70 0.59 6.64
N ASP A 7 3.29 -0.37 5.99
CA ASP A 7 4.70 -0.41 5.80
C ASP A 7 5.12 0.27 4.54
N ARG A 8 6.24 0.86 4.66
CA ARG A 8 6.86 1.74 3.67
C ARG A 8 7.44 0.99 2.47
N PHE A 9 7.42 -0.31 2.52
CA PHE A 9 8.04 -1.10 1.51
C PHE A 9 7.02 -2.06 0.91
N CYS A 10 5.74 -1.76 1.15
CA CYS A 10 4.61 -2.55 0.64
C CYS A 10 4.68 -3.98 1.17
N GLN A 11 5.23 -4.16 2.36
CA GLN A 11 5.35 -5.48 2.93
C GLN A 11 4.10 -5.88 3.71
N ASN A 12 3.57 -4.96 4.48
CA ASN A 12 2.41 -5.25 5.33
C ASN A 12 1.15 -4.63 4.80
N TYR A 13 0.29 -5.46 4.31
CA TYR A 13 -0.98 -5.03 3.76
C TYR A 13 -2.09 -5.13 4.78
N ILE A 14 -2.89 -4.07 4.84
CA ILE A 14 -3.89 -3.91 5.89
C ILE A 14 -5.31 -3.78 5.32
N GLY A 15 -5.48 -4.31 4.16
CA GLY A 15 -6.74 -4.21 3.44
C GLY A 15 -6.74 -3.05 2.50
N SER A 16 -7.81 -2.87 1.79
CA SER A 16 -7.89 -1.83 0.82
C SER A 16 -8.79 -0.73 1.31
N ILE A 17 -8.26 0.03 2.21
CA ILE A 17 -8.94 1.13 2.78
C ILE A 17 -8.78 2.37 1.87
N PRO A 18 -9.90 3.04 1.54
CA PRO A 18 -9.92 4.17 0.58
C PRO A 18 -9.01 5.33 0.94
N ASP A 19 -8.99 5.70 2.21
CA ASP A 19 -8.17 6.82 2.67
C ASP A 19 -6.75 6.36 2.73
N CYS A 20 -6.59 5.15 3.26
CA CYS A 20 -5.31 4.45 3.35
C CYS A 20 -4.31 5.06 4.32
N CYS A 21 -3.86 6.23 4.02
CA CYS A 21 -2.77 6.81 4.72
C CYS A 21 -3.19 7.51 6.01
N PHE A 22 -3.37 6.72 7.05
CA PHE A 22 -3.62 7.23 8.38
C PHE A 22 -2.31 7.26 9.09
N GLY A 23 -1.71 6.11 9.16
CA GLY A 23 -0.40 5.98 9.74
C GLY A 23 0.63 5.93 8.64
N ARG A 24 0.13 6.03 7.40
CA ARG A 24 0.92 6.05 6.17
C ARG A 24 1.62 4.72 5.91
N GLY A 25 2.36 4.66 4.84
CA GLY A 25 3.02 3.45 4.48
C GLY A 25 3.22 3.37 3.01
N SER A 26 2.42 2.56 2.35
CA SER A 26 2.46 2.37 0.89
C SER A 26 1.09 1.94 0.44
N TYR A 27 0.96 1.77 -0.82
CA TYR A 27 -0.26 1.33 -1.43
C TYR A 27 0.10 0.83 -2.81
N SER A 28 -0.79 0.11 -3.43
CA SER A 28 -0.54 -0.42 -4.73
C SER A 28 -1.84 -0.80 -5.41
N PHE A 29 -1.82 -1.07 -6.70
CA PHE A 29 -3.04 -1.41 -7.40
C PHE A 29 -3.27 -2.91 -7.44
N GLU A 30 -2.35 -3.63 -6.84
CA GLU A 30 -2.45 -5.08 -6.72
C GLU A 30 -1.87 -5.52 -5.40
N LEU A 31 -2.32 -6.65 -4.91
CA LEU A 31 -1.92 -7.15 -3.62
C LEU A 31 -0.54 -7.79 -3.77
N GLN A 32 0.47 -7.20 -3.12
CA GLN A 32 1.88 -7.58 -3.27
C GLN A 32 2.29 -7.31 -4.70
N PRO A 33 2.75 -6.11 -4.97
CA PRO A 33 2.99 -5.67 -6.32
C PRO A 33 4.47 -5.78 -6.76
N PRO A 34 4.72 -5.51 -8.04
CA PRO A 34 6.07 -5.39 -8.57
C PRO A 34 6.70 -4.09 -8.07
N PRO A 35 8.04 -3.93 -8.21
CA PRO A 35 8.76 -2.75 -7.70
C PRO A 35 8.17 -1.45 -8.19
N TRP A 36 7.64 -1.48 -9.39
CA TRP A 36 7.12 -0.31 -10.02
C TRP A 36 5.69 0.02 -9.60
N GLU A 37 5.12 -0.83 -8.79
CA GLU A 37 3.78 -0.68 -8.33
C GLU A 37 3.81 -0.53 -6.85
N CYS A 38 5.00 -0.57 -6.30
CA CYS A 38 5.12 -0.39 -4.92
C CYS A 38 5.24 1.10 -4.62
N TYR A 39 4.10 1.75 -4.54
CA TYR A 39 4.04 3.17 -4.30
C TYR A 39 4.01 3.41 -2.82
N GLN A 40 5.00 4.02 -2.28
CA GLN A 40 4.95 4.27 -0.89
C GLN A 40 4.24 5.60 -0.63
N CYS A 41 3.54 5.66 0.45
CA CYS A 41 2.74 6.80 0.79
C CYS A 41 3.42 7.58 1.90
N PCA B . -9.69 0.30 -8.91
CA PCA B . -10.45 1.46 -8.44
CB PCA B . -11.91 1.08 -8.49
CG PCA B . -11.96 -0.32 -9.07
CD PCA B . -10.49 -0.64 -9.39
OE PCA B . -10.14 -1.64 -10.00
C PCA B . -10.04 1.85 -7.06
O PCA B . -10.11 3.01 -6.67
H PCA B . -8.71 0.25 -8.87
HA PCA B . -10.25 2.29 -9.08
HB2 PCA B . -12.46 1.77 -9.11
HB3 PCA B . -12.32 1.08 -7.48
HG2 PCA B . -12.52 -0.34 -10.00
HG3 PCA B . -12.36 -1.03 -8.35
N GLU A 1 -9.78 2.79 -4.62
CA GLU A 1 -8.57 2.88 -3.83
C GLU A 1 -7.57 1.88 -4.35
N ALA A 2 -6.35 2.06 -3.96
CA ALA A 2 -5.31 1.13 -4.26
C ALA A 2 -5.18 0.20 -3.04
N PHE A 3 -4.41 -0.81 -3.15
CA PHE A 3 -4.16 -1.72 -2.05
C PHE A 3 -3.25 -1.00 -1.10
N CYS A 4 -3.59 -0.95 0.14
CA CYS A 4 -2.87 -0.12 1.08
C CYS A 4 -2.03 -0.93 2.01
N PHE A 5 -0.86 -0.41 2.29
CA PHE A 5 0.12 -1.07 3.12
C PHE A 5 0.57 -0.12 4.23
N SER A 6 0.55 -0.60 5.45
CA SER A 6 0.86 0.21 6.63
C SER A 6 2.34 0.52 6.70
N ASP A 7 3.13 -0.35 6.15
CA ASP A 7 4.55 -0.21 6.21
C ASP A 7 5.09 0.22 4.86
N ARG A 8 6.19 0.95 4.90
CA ARG A 8 6.74 1.66 3.74
C ARG A 8 7.04 0.81 2.55
N PHE A 9 7.54 -0.35 2.75
CA PHE A 9 8.01 -1.15 1.65
C PHE A 9 6.99 -2.15 1.16
N CYS A 10 5.70 -1.81 1.32
CA CYS A 10 4.58 -2.64 0.81
C CYS A 10 4.66 -4.03 1.41
N GLN A 11 5.11 -4.09 2.65
CA GLN A 11 5.27 -5.36 3.33
C GLN A 11 3.97 -5.81 3.97
N ASN A 12 3.31 -4.91 4.67
CA ASN A 12 2.10 -5.26 5.39
C ASN A 12 0.89 -4.62 4.76
N TYR A 13 0.10 -5.42 4.11
CA TYR A 13 -1.13 -4.99 3.49
C TYR A 13 -2.28 -5.08 4.45
N ILE A 14 -3.11 -4.04 4.43
CA ILE A 14 -4.16 -3.88 5.40
C ILE A 14 -5.54 -3.76 4.77
N GLY A 15 -5.62 -4.16 3.53
CA GLY A 15 -6.85 -4.03 2.76
C GLY A 15 -6.82 -2.74 1.97
N SER A 16 -7.85 -2.46 1.25
CA SER A 16 -7.92 -1.23 0.53
C SER A 16 -8.89 -0.29 1.22
N ILE A 17 -8.46 0.20 2.36
CA ILE A 17 -9.24 1.09 3.16
C ILE A 17 -9.35 2.45 2.47
N PRO A 18 -10.50 3.15 2.63
CA PRO A 18 -10.77 4.44 1.97
C PRO A 18 -9.76 5.53 2.34
N ASP A 19 -9.28 5.49 3.57
CA ASP A 19 -8.29 6.46 4.03
C ASP A 19 -6.93 6.10 3.47
N CYS A 20 -6.76 4.82 3.25
CA CYS A 20 -5.54 4.19 2.73
C CYS A 20 -4.35 4.36 3.68
N CYS A 21 -3.89 5.56 3.82
CA CYS A 21 -2.79 5.84 4.66
C CYS A 21 -3.26 6.55 5.91
N PHE A 22 -3.34 5.83 7.01
CA PHE A 22 -3.61 6.48 8.28
C PHE A 22 -2.39 7.23 8.67
N GLY A 23 -1.29 6.60 8.46
CA GLY A 23 -0.06 7.23 8.58
C GLY A 23 0.45 7.51 7.19
N ARG A 24 1.62 7.07 6.88
CA ARG A 24 2.14 7.15 5.52
C ARG A 24 2.98 5.92 5.22
N GLY A 25 2.34 4.89 4.75
CA GLY A 25 3.03 3.68 4.42
C GLY A 25 3.30 3.58 2.94
N SER A 26 2.58 2.72 2.30
CA SER A 26 2.71 2.50 0.88
C SER A 26 1.39 1.96 0.36
N TYR A 27 1.31 1.77 -0.92
CA TYR A 27 0.14 1.25 -1.56
C TYR A 27 0.52 0.77 -2.94
N SER A 28 -0.36 0.06 -3.57
CA SER A 28 -0.11 -0.46 -4.88
C SER A 28 -1.43 -0.76 -5.56
N PHE A 29 -1.43 -0.99 -6.84
CA PHE A 29 -2.66 -1.30 -7.52
C PHE A 29 -2.85 -2.80 -7.61
N GLU A 30 -1.87 -3.53 -7.11
CA GLU A 30 -1.91 -4.98 -7.09
C GLU A 30 -1.42 -5.49 -5.75
N LEU A 31 -2.12 -6.46 -5.20
CA LEU A 31 -1.75 -7.08 -3.93
C LEU A 31 -0.47 -7.88 -4.17
N GLN A 32 0.55 -7.66 -3.32
CA GLN A 32 1.90 -8.20 -3.52
C GLN A 32 2.39 -7.71 -4.88
N PRO A 33 2.82 -6.46 -4.96
CA PRO A 33 3.06 -5.85 -6.22
C PRO A 33 4.51 -5.94 -6.70
N PRO A 34 4.72 -5.71 -7.99
CA PRO A 34 6.04 -5.64 -8.58
C PRO A 34 6.77 -4.37 -8.08
N PRO A 35 8.10 -4.28 -8.26
CA PRO A 35 8.91 -3.14 -7.77
C PRO A 35 8.37 -1.80 -8.27
N TRP A 36 7.75 -1.83 -9.42
CA TRP A 36 7.26 -0.64 -10.05
C TRP A 36 5.84 -0.27 -9.58
N GLU A 37 5.34 -1.00 -8.63
CA GLU A 37 4.03 -0.82 -8.09
C GLU A 37 4.12 -0.60 -6.63
N CYS A 38 5.30 -0.69 -6.10
CA CYS A 38 5.44 -0.49 -4.71
C CYS A 38 5.60 1.00 -4.42
N TYR A 39 4.49 1.69 -4.42
CA TYR A 39 4.46 3.12 -4.26
C TYR A 39 4.43 3.49 -2.82
N GLN A 40 5.32 4.33 -2.40
CA GLN A 40 5.23 4.82 -1.06
C GLN A 40 4.21 5.92 -0.94
N CYS A 41 3.71 6.07 0.23
CA CYS A 41 2.72 7.05 0.51
C CYS A 41 3.42 8.31 0.98
N PCA B . -11.76 1.93 -6.06
CA PCA B . -11.32 3.29 -6.31
CB PCA B . -12.40 4.20 -5.76
CG PCA B . -13.46 3.30 -5.18
CD PCA B . -12.84 1.92 -5.30
OE PCA B . -13.29 0.93 -4.72
C PCA B . -10.01 3.55 -5.63
O PCA B . -9.20 4.37 -6.06
H PCA B . -11.31 1.13 -6.43
HA PCA B . -11.17 3.46 -7.37
HB2 PCA B . -12.82 4.82 -6.55
HB3 PCA B . -11.98 4.84 -4.98
HG2 PCA B . -14.38 3.33 -5.77
HG3 PCA B . -13.65 3.56 -4.14
N GLU A 1 -9.91 -0.07 -5.22
CA GLU A 1 -9.19 0.92 -4.51
C GLU A 1 -7.79 0.40 -4.37
N ALA A 2 -6.82 1.27 -4.24
CA ALA A 2 -5.45 0.83 -4.12
C ALA A 2 -5.27 0.10 -2.78
N PHE A 3 -4.51 -0.97 -2.83
CA PHE A 3 -4.23 -1.80 -1.69
C PHE A 3 -3.31 -1.04 -0.79
N CYS A 4 -3.61 -0.98 0.47
CA CYS A 4 -2.86 -0.16 1.39
C CYS A 4 -1.97 -0.99 2.26
N PHE A 5 -0.78 -0.49 2.50
CA PHE A 5 0.22 -1.18 3.27
C PHE A 5 0.79 -0.26 4.35
N SER A 6 0.86 -0.75 5.56
CA SER A 6 1.31 0.06 6.69
C SER A 6 2.83 0.23 6.65
N ASP A 7 3.50 -0.76 6.11
CA ASP A 7 4.95 -0.75 6.03
C ASP A 7 5.38 -0.21 4.69
N ARG A 8 6.54 0.40 4.68
CA ARG A 8 7.05 1.17 3.54
C ARG A 8 7.18 0.38 2.27
N PHE A 9 7.65 -0.82 2.36
CA PHE A 9 7.95 -1.58 1.17
C PHE A 9 6.82 -2.49 0.76
N CYS A 10 5.59 -2.08 1.08
CA CYS A 10 4.38 -2.78 0.65
C CYS A 10 4.39 -4.22 1.15
N GLN A 11 4.91 -4.43 2.34
CA GLN A 11 4.99 -5.76 2.88
C GLN A 11 3.72 -6.17 3.63
N ASN A 12 3.16 -5.27 4.41
CA ASN A 12 1.97 -5.58 5.21
C ASN A 12 0.75 -4.89 4.71
N TYR A 13 -0.16 -5.66 4.17
CA TYR A 13 -1.39 -5.16 3.62
C TYR A 13 -2.49 -5.17 4.64
N ILE A 14 -3.18 -4.06 4.72
CA ILE A 14 -4.15 -3.80 5.77
C ILE A 14 -5.53 -3.52 5.19
N GLY A 15 -5.75 -4.04 4.03
CA GLY A 15 -6.98 -3.83 3.31
C GLY A 15 -6.88 -2.67 2.35
N SER A 16 -7.94 -2.40 1.64
CA SER A 16 -7.97 -1.35 0.67
C SER A 16 -8.98 -0.31 1.09
N ILE A 17 -8.50 0.68 1.77
CA ILE A 17 -9.33 1.72 2.31
C ILE A 17 -9.18 3.01 1.50
N PRO A 18 -10.26 3.79 1.37
CA PRO A 18 -10.28 5.01 0.54
C PRO A 18 -9.26 6.10 0.97
N ASP A 19 -9.07 6.26 2.28
CA ASP A 19 -8.09 7.23 2.80
C ASP A 19 -6.72 6.68 2.58
N CYS A 20 -6.64 5.38 2.76
CA CYS A 20 -5.47 4.56 2.53
C CYS A 20 -4.33 4.83 3.50
N CYS A 21 -3.69 5.96 3.34
CA CYS A 21 -2.53 6.25 4.11
C CYS A 21 -2.89 7.00 5.39
N PHE A 22 -3.25 6.25 6.42
CA PHE A 22 -3.43 6.82 7.75
C PHE A 22 -2.09 6.93 8.37
N GLY A 23 -1.25 6.07 7.95
CA GLY A 23 0.09 6.08 8.31
C GLY A 23 0.87 6.17 7.05
N ARG A 24 2.04 6.73 7.09
CA ARG A 24 2.82 6.85 5.90
C ARG A 24 3.54 5.56 5.55
N GLY A 25 2.81 4.63 5.04
CA GLY A 25 3.36 3.40 4.60
C GLY A 25 3.50 3.38 3.12
N SER A 26 2.71 2.58 2.49
CA SER A 26 2.70 2.45 1.07
C SER A 26 1.33 1.97 0.63
N TYR A 27 1.15 1.87 -0.64
CA TYR A 27 -0.04 1.39 -1.23
C TYR A 27 0.30 0.95 -2.64
N SER A 28 -0.62 0.33 -3.32
CA SER A 28 -0.36 -0.18 -4.63
C SER A 28 -1.67 -0.54 -5.31
N PHE A 29 -1.64 -0.85 -6.58
CA PHE A 29 -2.86 -1.22 -7.24
C PHE A 29 -2.92 -2.73 -7.40
N GLU A 30 -1.94 -3.41 -6.83
CA GLU A 30 -1.80 -4.86 -6.89
C GLU A 30 -1.39 -5.35 -5.51
N LEU A 31 -2.05 -6.36 -5.00
CA LEU A 31 -1.71 -6.90 -3.69
C LEU A 31 -0.38 -7.64 -3.84
N GLN A 32 0.64 -7.15 -3.14
CA GLN A 32 2.03 -7.62 -3.29
C GLN A 32 2.46 -7.29 -4.72
N PRO A 33 2.80 -6.03 -4.96
CA PRO A 33 3.01 -5.50 -6.28
C PRO A 33 4.47 -5.50 -6.74
N PRO A 34 4.70 -5.24 -8.04
CA PRO A 34 6.04 -5.09 -8.57
C PRO A 34 6.70 -3.83 -7.99
N PRO A 35 8.04 -3.71 -8.09
CA PRO A 35 8.79 -2.59 -7.50
C PRO A 35 8.26 -1.23 -7.92
N TRP A 36 7.70 -1.19 -9.11
CA TRP A 36 7.21 0.04 -9.68
C TRP A 36 5.78 0.36 -9.26
N GLU A 37 5.16 -0.53 -8.52
CA GLU A 37 3.81 -0.36 -8.08
C GLU A 37 3.82 -0.22 -6.61
N CYS A 38 4.98 -0.31 -6.05
CA CYS A 38 5.09 -0.14 -4.66
C CYS A 38 5.27 1.35 -4.33
N TYR A 39 4.16 2.05 -4.24
CA TYR A 39 4.16 3.48 -4.01
C TYR A 39 4.16 3.76 -2.53
N GLN A 40 5.13 4.48 -2.04
CA GLN A 40 5.09 4.85 -0.64
C GLN A 40 4.18 6.04 -0.42
N CYS A 41 3.64 6.11 0.75
CA CYS A 41 2.79 7.21 1.15
C CYS A 41 3.67 8.35 1.62
N PCA B . -10.47 -2.16 -6.61
CA PCA B . -11.47 -1.10 -6.61
CB PCA B . -12.63 -1.58 -5.78
CG PCA B . -12.25 -2.97 -5.29
CD PCA B . -10.83 -3.14 -5.79
OE PCA B . -10.11 -4.06 -5.44
C PCA B . -10.88 0.15 -6.01
O PCA B . -11.29 1.27 -6.31
H PCA B . -9.65 -2.15 -7.14
HA PCA B . -11.77 -0.86 -7.62
HB2 PCA B . -13.54 -1.64 -6.38
HB3 PCA B . -12.79 -0.92 -4.92
HG2 PCA B . -12.88 -3.74 -5.75
HG3 PCA B . -12.31 -3.02 -4.21
N GLU A 1 -9.63 -0.07 -6.30
CA GLU A 1 -9.02 0.81 -5.35
C GLU A 1 -7.61 0.30 -5.08
N ALA A 2 -6.66 1.20 -4.91
CA ALA A 2 -5.30 0.80 -4.61
C ALA A 2 -5.25 0.19 -3.21
N PHE A 3 -4.45 -0.81 -3.10
CA PHE A 3 -4.26 -1.58 -1.90
C PHE A 3 -3.35 -0.80 -1.00
N CYS A 4 -3.63 -0.77 0.25
CA CYS A 4 -2.89 0.10 1.14
C CYS A 4 -2.02 -0.70 2.08
N PHE A 5 -0.83 -0.19 2.32
CA PHE A 5 0.17 -0.84 3.14
C PHE A 5 0.76 0.15 4.13
N SER A 6 0.79 -0.22 5.40
CA SER A 6 1.32 0.66 6.45
C SER A 6 2.84 0.78 6.32
N ASP A 7 3.47 -0.27 5.87
CA ASP A 7 4.90 -0.32 5.73
C ASP A 7 5.32 0.22 4.42
N ARG A 8 6.45 0.84 4.39
CA ARG A 8 6.96 1.55 3.22
C ARG A 8 7.15 0.66 2.03
N PHE A 9 7.61 -0.53 2.26
CA PHE A 9 7.96 -1.41 1.17
C PHE A 9 6.85 -2.39 0.83
N CYS A 10 5.60 -1.98 1.08
CA CYS A 10 4.42 -2.76 0.70
C CYS A 10 4.45 -4.14 1.33
N GLN A 11 4.97 -4.23 2.53
CA GLN A 11 5.06 -5.51 3.20
C GLN A 11 3.76 -5.90 3.92
N ASN A 12 3.17 -4.94 4.61
CA ASN A 12 1.94 -5.19 5.39
C ASN A 12 0.75 -4.52 4.78
N TYR A 13 -0.12 -5.31 4.20
CA TYR A 13 -1.34 -4.81 3.59
C TYR A 13 -2.46 -4.77 4.59
N ILE A 14 -3.17 -3.66 4.60
CA ILE A 14 -4.14 -3.38 5.63
C ILE A 14 -5.53 -3.13 5.04
N GLY A 15 -5.72 -3.59 3.83
CA GLY A 15 -6.97 -3.39 3.15
C GLY A 15 -6.93 -2.16 2.30
N SER A 16 -8.04 -1.80 1.74
CA SER A 16 -8.14 -0.61 0.95
C SER A 16 -9.16 0.32 1.59
N ILE A 17 -8.77 0.90 2.70
CA ILE A 17 -9.61 1.81 3.46
C ILE A 17 -9.58 3.22 2.82
N PRO A 18 -10.59 4.07 3.10
CA PRO A 18 -10.69 5.44 2.53
C PRO A 18 -9.45 6.29 2.78
N ASP A 19 -8.95 6.29 4.01
CA ASP A 19 -7.74 7.08 4.35
C ASP A 19 -6.53 6.43 3.70
N CYS A 20 -6.68 5.13 3.48
CA CYS A 20 -5.70 4.26 2.84
C CYS A 20 -4.45 4.06 3.68
N CYS A 21 -3.63 5.06 3.73
CA CYS A 21 -2.38 4.96 4.41
C CYS A 21 -2.59 5.21 5.88
N PHE A 22 -2.63 4.14 6.65
CA PHE A 22 -2.83 4.25 8.06
C PHE A 22 -1.51 4.62 8.69
N GLY A 23 -1.28 5.85 8.61
CA GLY A 23 -0.08 6.45 9.10
C GLY A 23 0.98 6.39 8.04
N ARG A 24 0.61 6.83 6.83
CA ARG A 24 1.45 6.77 5.63
C ARG A 24 1.88 5.33 5.33
N GLY A 25 2.80 5.18 4.43
CA GLY A 25 3.30 3.86 4.13
C GLY A 25 3.49 3.67 2.68
N SER A 26 2.69 2.83 2.09
CA SER A 26 2.71 2.59 0.67
C SER A 26 1.35 2.10 0.23
N TYR A 27 1.19 1.89 -1.04
CA TYR A 27 -0.02 1.41 -1.61
C TYR A 27 0.32 0.92 -3.00
N SER A 28 -0.58 0.20 -3.62
CA SER A 28 -0.30 -0.34 -4.92
C SER A 28 -1.59 -0.72 -5.62
N PHE A 29 -1.52 -1.03 -6.91
CA PHE A 29 -2.72 -1.40 -7.62
C PHE A 29 -2.84 -2.91 -7.71
N GLU A 30 -1.87 -3.60 -7.12
CA GLU A 30 -1.87 -5.04 -7.03
C GLU A 30 -1.51 -5.42 -5.61
N LEU A 31 -2.20 -6.37 -5.07
CA LEU A 31 -1.98 -6.84 -3.72
C LEU A 31 -0.66 -7.60 -3.72
N GLN A 32 0.34 -7.05 -3.02
CA GLN A 32 1.73 -7.55 -3.04
C GLN A 32 2.27 -7.35 -4.46
N PRO A 33 2.74 -6.14 -4.75
CA PRO A 33 3.06 -5.72 -6.09
C PRO A 33 4.56 -5.80 -6.44
N PRO A 34 4.89 -5.55 -7.71
CA PRO A 34 6.26 -5.44 -8.17
C PRO A 34 6.86 -4.13 -7.63
N PRO A 35 8.20 -3.97 -7.64
CA PRO A 35 8.87 -2.79 -7.07
C PRO A 35 8.37 -1.49 -7.67
N TRP A 36 7.95 -1.56 -8.91
CA TRP A 36 7.51 -0.41 -9.64
C TRP A 36 6.06 -0.04 -9.35
N GLU A 37 5.43 -0.85 -8.53
CA GLU A 37 4.06 -0.67 -8.15
C GLU A 37 4.01 -0.46 -6.69
N CYS A 38 5.13 -0.53 -6.07
CA CYS A 38 5.20 -0.31 -4.70
C CYS A 38 5.35 1.18 -4.46
N TYR A 39 4.24 1.89 -4.47
CA TYR A 39 4.24 3.32 -4.35
C TYR A 39 4.21 3.72 -2.91
N GLN A 40 5.18 4.43 -2.45
CA GLN A 40 5.14 4.89 -1.11
C GLN A 40 4.14 6.01 -0.93
N CYS A 41 3.62 6.09 0.23
CA CYS A 41 2.67 7.05 0.59
C CYS A 41 3.36 7.99 1.57
N PCA B . -10.17 -2.07 -7.91
CA PCA B . -10.75 -0.76 -8.24
CB PCA B . -12.24 -0.87 -7.94
CG PCA B . -12.47 -2.29 -7.48
CD PCA B . -11.09 -2.92 -7.49
OE PCA B . -10.88 -4.07 -7.12
C PCA B . -10.12 0.32 -7.41
O PCA B . -10.05 1.49 -7.81
H PCA B . -9.21 -2.28 -7.99
HA PCA B . -10.57 -0.53 -9.28
HB2 PCA B . -12.81 -0.66 -8.84
HB3 PCA B . -12.50 -0.16 -7.15
HG2 PCA B . -13.11 -2.83 -8.18
HG3 PCA B . -12.92 -2.29 -6.48
N GLU A 1 -10.26 1.54 -5.25
CA GLU A 1 -9.31 1.71 -4.18
C GLU A 1 -8.00 1.00 -4.53
N ALA A 2 -6.93 1.45 -3.97
CA ALA A 2 -5.67 0.80 -4.12
C ALA A 2 -5.45 -0.08 -2.88
N PHE A 3 -4.59 -1.04 -2.99
CA PHE A 3 -4.24 -1.92 -1.90
C PHE A 3 -3.31 -1.15 -1.02
N CYS A 4 -3.50 -1.20 0.26
CA CYS A 4 -2.75 -0.33 1.14
C CYS A 4 -1.87 -1.09 2.09
N PHE A 5 -0.71 -0.54 2.32
CA PHE A 5 0.29 -1.16 3.15
C PHE A 5 0.76 -0.15 4.19
N SER A 6 0.78 -0.54 5.44
CA SER A 6 1.12 0.36 6.53
C SER A 6 2.62 0.61 6.55
N ASP A 7 3.35 -0.34 6.03
CA ASP A 7 4.77 -0.24 5.97
C ASP A 7 5.20 0.33 4.68
N ARG A 8 6.30 1.02 4.73
CA ARG A 8 6.87 1.73 3.58
C ARG A 8 7.21 0.77 2.48
N PHE A 9 7.71 -0.35 2.86
CA PHE A 9 8.22 -1.31 1.94
C PHE A 9 7.16 -2.27 1.45
N CYS A 10 5.87 -1.85 1.51
CA CYS A 10 4.72 -2.65 1.01
C CYS A 10 4.74 -4.09 1.53
N GLN A 11 5.19 -4.25 2.76
CA GLN A 11 5.25 -5.55 3.38
C GLN A 11 3.95 -5.95 4.08
N ASN A 12 3.30 -5.00 4.72
CA ASN A 12 2.09 -5.27 5.48
C ASN A 12 0.87 -4.68 4.85
N TYR A 13 0.07 -5.53 4.26
CA TYR A 13 -1.16 -5.13 3.63
C TYR A 13 -2.31 -5.17 4.59
N ILE A 14 -3.03 -4.09 4.63
CA ILE A 14 -4.04 -3.85 5.64
C ILE A 14 -5.44 -3.74 5.02
N GLY A 15 -5.57 -4.30 3.87
CA GLY A 15 -6.81 -4.26 3.15
C GLY A 15 -6.86 -3.09 2.19
N SER A 16 -7.94 -2.97 1.49
CA SER A 16 -8.10 -1.91 0.56
C SER A 16 -9.02 -0.87 1.18
N ILE A 17 -8.41 0.03 1.90
CA ILE A 17 -9.11 1.07 2.60
C ILE A 17 -9.04 2.39 1.81
N PRO A 18 -10.17 3.13 1.69
CA PRO A 18 -10.25 4.39 0.93
C PRO A 18 -9.27 5.46 1.44
N ASP A 19 -9.16 5.60 2.77
CA ASP A 19 -8.25 6.58 3.37
C ASP A 19 -6.83 6.20 3.05
N CYS A 20 -6.59 4.90 3.07
CA CYS A 20 -5.35 4.26 2.69
C CYS A 20 -4.16 4.62 3.58
N CYS A 21 -3.53 5.75 3.33
CA CYS A 21 -2.36 6.12 4.05
C CYS A 21 -2.72 6.82 5.34
N PHE A 22 -2.79 6.06 6.40
CA PHE A 22 -3.02 6.62 7.70
C PHE A 22 -1.72 7.05 8.30
N GLY A 23 -1.32 8.17 7.87
CA GLY A 23 -0.13 8.79 8.35
C GLY A 23 1.11 8.33 7.62
N ARG A 24 1.25 7.04 7.45
CA ARG A 24 2.41 6.46 6.86
C ARG A 24 2.02 5.26 6.03
N GLY A 25 2.88 4.83 5.13
CA GLY A 25 2.63 3.63 4.41
C GLY A 25 3.03 3.68 2.97
N SER A 26 2.44 2.80 2.24
CA SER A 26 2.60 2.62 0.82
C SER A 26 1.30 1.99 0.32
N TYR A 27 1.17 1.80 -0.95
CA TYR A 27 -0.01 1.24 -1.54
C TYR A 27 0.31 0.77 -2.92
N SER A 28 -0.62 0.11 -3.56
CA SER A 28 -0.41 -0.41 -4.88
C SER A 28 -1.73 -0.75 -5.54
N PHE A 29 -1.70 -1.11 -6.81
CA PHE A 29 -2.92 -1.50 -7.48
C PHE A 29 -3.03 -3.00 -7.51
N GLU A 30 -2.03 -3.68 -6.96
CA GLU A 30 -1.98 -5.12 -6.89
C GLU A 30 -1.57 -5.55 -5.50
N LEU A 31 -2.15 -6.62 -5.02
CA LEU A 31 -1.84 -7.15 -3.71
C LEU A 31 -0.45 -7.80 -3.79
N GLN A 32 0.49 -7.26 -3.02
CA GLN A 32 1.91 -7.66 -3.04
C GLN A 32 2.44 -7.43 -4.46
N PRO A 33 2.82 -6.19 -4.76
CA PRO A 33 3.12 -5.77 -6.09
C PRO A 33 4.62 -5.74 -6.44
N PRO A 34 4.92 -5.53 -7.73
CA PRO A 34 6.28 -5.34 -8.22
C PRO A 34 6.84 -3.98 -7.76
N PRO A 35 8.17 -3.74 -7.90
CA PRO A 35 8.82 -2.50 -7.43
C PRO A 35 8.17 -1.25 -7.99
N TRP A 36 7.65 -1.38 -9.19
CA TRP A 36 7.09 -0.27 -9.89
C TRP A 36 5.63 -0.01 -9.48
N GLU A 37 5.09 -0.87 -8.64
CA GLU A 37 3.75 -0.76 -8.18
C GLU A 37 3.76 -0.56 -6.70
N CYS A 38 4.91 -0.65 -6.13
CA CYS A 38 5.02 -0.45 -4.75
C CYS A 38 5.17 1.06 -4.50
N TYR A 39 4.05 1.75 -4.50
CA TYR A 39 4.02 3.19 -4.39
C TYR A 39 4.01 3.59 -2.96
N GLN A 40 4.86 4.47 -2.60
CA GLN A 40 4.89 4.95 -1.27
C GLN A 40 4.04 6.16 -1.07
N CYS A 41 3.65 6.34 0.15
CA CYS A 41 2.84 7.46 0.55
C CYS A 41 3.74 8.69 0.58
N PCA B . -11.81 0.60 -7.15
CA PCA B . -11.31 1.97 -7.32
CB PCA B . -12.49 2.89 -7.14
CG PCA B . -13.71 2.01 -7.01
CD PCA B . -13.14 0.60 -6.97
OE PCA B . -13.83 -0.40 -6.78
C PCA B . -10.24 2.27 -6.31
O PCA B . -9.34 3.10 -6.56
H PCA B . -11.25 -0.19 -7.16
HA PCA B . -10.88 2.08 -8.30
HB2 PCA B . -12.58 3.55 -7.99
HB3 PCA B . -12.36 3.48 -6.23
HG2 PCA B . -14.36 2.10 -7.88
HG3 PCA B . -14.25 2.24 -6.10
N GLU A 1 -9.32 1.04 -6.75
CA GLU A 1 -8.79 1.34 -5.45
C GLU A 1 -7.39 0.79 -5.33
N ALA A 2 -6.56 1.51 -4.61
CA ALA A 2 -5.22 1.08 -4.35
C ALA A 2 -5.18 0.37 -3.00
N PHE A 3 -4.45 -0.70 -2.95
CA PHE A 3 -4.31 -1.53 -1.77
C PHE A 3 -3.33 -0.84 -0.86
N CYS A 4 -3.53 -0.94 0.43
CA CYS A 4 -2.70 -0.22 1.36
C CYS A 4 -1.82 -1.10 2.17
N PHE A 5 -0.63 -0.62 2.43
CA PHE A 5 0.37 -1.29 3.20
C PHE A 5 0.91 -0.29 4.22
N SER A 6 0.81 -0.62 5.51
CA SER A 6 1.24 0.31 6.55
C SER A 6 2.74 0.50 6.55
N ASP A 7 3.43 -0.57 6.31
CA ASP A 7 4.86 -0.54 6.29
C ASP A 7 5.32 -0.06 4.95
N ARG A 8 6.38 0.69 4.98
CA ARG A 8 6.87 1.47 3.85
C ARG A 8 7.24 0.66 2.62
N PHE A 9 7.68 -0.55 2.79
CA PHE A 9 8.16 -1.32 1.66
C PHE A 9 7.10 -2.29 1.13
N CYS A 10 5.82 -1.95 1.37
CA CYS A 10 4.67 -2.73 0.89
C CYS A 10 4.73 -4.15 1.41
N GLN A 11 5.22 -4.31 2.62
CA GLN A 11 5.35 -5.61 3.22
C GLN A 11 4.06 -6.06 3.92
N ASN A 12 3.44 -5.16 4.65
CA ASN A 12 2.24 -5.51 5.40
C ASN A 12 1.03 -4.86 4.83
N TYR A 13 0.14 -5.66 4.33
CA TYR A 13 -1.09 -5.21 3.73
C TYR A 13 -2.22 -5.23 4.71
N ILE A 14 -2.99 -4.16 4.69
CA ILE A 14 -4.01 -3.95 5.69
C ILE A 14 -5.39 -3.76 5.05
N GLY A 15 -5.47 -4.01 3.77
CA GLY A 15 -6.70 -3.83 3.03
C GLY A 15 -6.76 -2.46 2.39
N SER A 16 -7.84 -2.17 1.74
CA SER A 16 -8.06 -0.88 1.15
C SER A 16 -9.23 -0.25 1.86
N ILE A 17 -8.95 0.35 2.99
CA ILE A 17 -9.97 0.88 3.86
C ILE A 17 -10.00 2.40 3.77
N PRO A 18 -11.06 3.04 4.32
CA PRO A 18 -11.19 4.50 4.36
C PRO A 18 -9.94 5.22 4.90
N ASP A 19 -9.24 4.60 5.84
CA ASP A 19 -8.03 5.19 6.36
C ASP A 19 -6.87 4.19 6.50
N CYS A 20 -6.36 3.71 5.39
CA CYS A 20 -5.15 2.92 5.42
C CYS A 20 -3.91 3.76 5.06
N CYS A 21 -3.66 3.98 3.77
CA CYS A 21 -2.45 4.70 3.36
C CYS A 21 -2.66 6.20 3.50
N PHE A 22 -3.83 6.54 3.97
CA PHE A 22 -4.21 7.91 4.22
C PHE A 22 -3.50 8.35 5.50
N GLY A 23 -3.10 7.36 6.29
CA GLY A 23 -2.31 7.58 7.47
C GLY A 23 -0.83 7.34 7.15
N ARG A 24 -0.56 7.32 5.85
CA ARG A 24 0.74 7.11 5.22
C ARG A 24 1.14 5.63 5.18
N GLY A 25 2.23 5.37 4.50
CA GLY A 25 2.72 4.02 4.33
C GLY A 25 3.07 3.80 2.89
N SER A 26 2.51 2.79 2.31
CA SER A 26 2.68 2.49 0.93
C SER A 26 1.40 1.89 0.41
N TYR A 27 1.27 1.80 -0.87
CA TYR A 27 0.07 1.35 -1.49
C TYR A 27 0.39 0.88 -2.90
N SER A 28 -0.55 0.24 -3.54
CA SER A 28 -0.33 -0.28 -4.86
C SER A 28 -1.65 -0.53 -5.59
N PHE A 29 -1.61 -0.75 -6.89
CA PHE A 29 -2.83 -1.02 -7.65
C PHE A 29 -3.02 -2.51 -7.84
N GLU A 30 -2.15 -3.26 -7.21
CA GLU A 30 -2.19 -4.69 -7.22
C GLU A 30 -1.69 -5.23 -5.89
N LEU A 31 -2.41 -6.17 -5.36
CA LEU A 31 -2.15 -6.71 -4.04
C LEU A 31 -0.87 -7.53 -4.08
N GLN A 32 0.10 -7.14 -3.25
CA GLN A 32 1.47 -7.69 -3.23
C GLN A 32 2.10 -7.39 -4.58
N PRO A 33 2.60 -6.18 -4.74
CA PRO A 33 2.98 -5.67 -6.01
C PRO A 33 4.48 -5.78 -6.36
N PRO A 34 4.80 -5.56 -7.62
CA PRO A 34 6.18 -5.49 -8.10
C PRO A 34 6.84 -4.18 -7.64
N PRO A 35 8.18 -4.03 -7.82
CA PRO A 35 8.92 -2.84 -7.35
C PRO A 35 8.34 -1.55 -7.89
N TRP A 36 7.80 -1.62 -9.07
CA TRP A 36 7.29 -0.48 -9.77
C TRP A 36 5.87 -0.12 -9.35
N GLU A 37 5.32 -0.88 -8.43
CA GLU A 37 3.99 -0.66 -7.96
C GLU A 37 4.03 -0.45 -6.50
N CYS A 38 5.18 -0.48 -5.94
CA CYS A 38 5.28 -0.27 -4.56
C CYS A 38 5.42 1.23 -4.27
N TYR A 39 4.29 1.92 -4.30
CA TYR A 39 4.26 3.36 -4.14
C TYR A 39 4.18 3.71 -2.69
N GLN A 40 4.85 4.74 -2.30
CA GLN A 40 4.78 5.20 -0.97
C GLN A 40 3.90 6.40 -0.79
N CYS A 41 3.32 6.44 0.35
CA CYS A 41 2.53 7.57 0.75
C CYS A 41 3.43 8.47 1.59
N PCA B . -9.86 0.01 -9.09
CA PCA B . -10.06 1.44 -8.94
CB PCA B . -11.55 1.68 -8.92
CG PCA B . -12.20 0.32 -9.12
CD PCA B . -11.02 -0.62 -9.34
OE PCA B . -11.13 -1.79 -9.71
C PCA B . -9.43 1.93 -7.66
O PCA B . -9.01 3.09 -7.54
H PCA B . -8.98 -0.44 -9.03
HA PCA B . -9.60 1.97 -9.75
HB2 PCA B . -11.85 2.35 -9.72
HB3 PCA B . -11.85 2.09 -7.95
HG2 PCA B . -12.82 0.31 -10.01
HG3 PCA B . -12.77 0.03 -8.24
N GLU A 1 -9.79 2.19 -4.97
CA GLU A 1 -8.88 2.48 -3.91
C GLU A 1 -7.73 1.50 -4.03
N ALA A 2 -6.54 1.96 -3.77
CA ALA A 2 -5.36 1.13 -3.88
C ALA A 2 -5.26 0.15 -2.70
N PHE A 3 -4.34 -0.76 -2.79
CA PHE A 3 -4.05 -1.70 -1.75
C PHE A 3 -3.09 -1.03 -0.82
N CYS A 4 -3.37 -1.06 0.44
CA CYS A 4 -2.63 -0.23 1.38
C CYS A 4 -1.71 -1.06 2.24
N PHE A 5 -0.55 -0.51 2.52
CA PHE A 5 0.46 -1.16 3.31
C PHE A 5 0.98 -0.17 4.34
N SER A 6 0.84 -0.47 5.62
CA SER A 6 1.28 0.44 6.68
C SER A 6 2.79 0.60 6.68
N ASP A 7 3.47 -0.43 6.27
CA ASP A 7 4.91 -0.42 6.24
C ASP A 7 5.41 0.13 4.95
N ARG A 8 6.53 0.80 5.04
CA ARG A 8 7.08 1.57 3.95
C ARG A 8 7.43 0.74 2.74
N PHE A 9 7.87 -0.47 2.97
CA PHE A 9 8.33 -1.30 1.89
C PHE A 9 7.30 -2.32 1.46
N CYS A 10 6.00 -1.95 1.52
CA CYS A 10 4.89 -2.80 1.01
C CYS A 10 4.93 -4.23 1.52
N GLN A 11 5.38 -4.41 2.75
CA GLN A 11 5.43 -5.72 3.36
C GLN A 11 4.12 -6.11 4.03
N ASN A 12 3.51 -5.18 4.72
CA ASN A 12 2.28 -5.45 5.46
C ASN A 12 1.09 -4.77 4.86
N TYR A 13 0.29 -5.52 4.15
CA TYR A 13 -0.93 -5.02 3.58
C TYR A 13 -2.05 -5.09 4.59
N ILE A 14 -2.83 -4.05 4.63
CA ILE A 14 -3.84 -3.88 5.67
C ILE A 14 -5.24 -3.70 5.09
N GLY A 15 -5.38 -4.11 3.85
CA GLY A 15 -6.64 -3.99 3.13
C GLY A 15 -6.70 -2.72 2.31
N SER A 16 -7.80 -2.51 1.66
CA SER A 16 -8.04 -1.31 0.90
C SER A 16 -9.08 -0.49 1.63
N ILE A 17 -8.60 0.43 2.40
CA ILE A 17 -9.43 1.27 3.25
C ILE A 17 -9.70 2.60 2.57
N PRO A 18 -10.90 3.20 2.78
CA PRO A 18 -11.29 4.46 2.13
C PRO A 18 -10.47 5.68 2.60
N ASP A 19 -9.36 5.88 1.89
CA ASP A 19 -8.33 6.94 2.04
C ASP A 19 -7.03 6.27 1.70
N CYS A 20 -6.94 5.02 2.18
CA CYS A 20 -5.81 4.12 2.01
C CYS A 20 -4.64 4.49 2.94
N CYS A 21 -4.37 5.76 3.07
CA CYS A 21 -3.23 6.24 3.79
C CYS A 21 -3.43 6.44 5.29
N PHE A 22 -4.37 5.70 5.89
CA PHE A 22 -4.43 5.65 7.34
C PHE A 22 -3.20 4.92 7.78
N GLY A 23 -2.97 3.81 7.09
CA GLY A 23 -1.78 3.06 7.26
C GLY A 23 -0.82 3.53 6.22
N ARG A 24 -0.34 4.73 6.41
CA ARG A 24 0.48 5.41 5.44
C ARG A 24 1.92 4.92 5.41
N GLY A 25 2.13 3.91 4.62
CA GLY A 25 3.44 3.42 4.38
C GLY A 25 3.67 3.35 2.91
N SER A 26 2.95 2.51 2.29
CA SER A 26 3.00 2.33 0.88
C SER A 26 1.66 1.81 0.42
N TYR A 27 1.50 1.66 -0.85
CA TYR A 27 0.26 1.22 -1.42
C TYR A 27 0.52 0.81 -2.84
N SER A 28 -0.44 0.18 -3.47
CA SER A 28 -0.28 -0.28 -4.81
C SER A 28 -1.63 -0.54 -5.47
N PHE A 29 -1.65 -0.75 -6.76
CA PHE A 29 -2.91 -1.01 -7.44
C PHE A 29 -3.10 -2.50 -7.63
N GLU A 30 -2.12 -3.25 -7.17
CA GLU A 30 -2.15 -4.69 -7.23
C GLU A 30 -1.78 -5.26 -5.87
N LEU A 31 -2.48 -6.28 -5.47
CA LEU A 31 -2.27 -6.95 -4.19
C LEU A 31 -0.96 -7.71 -4.21
N GLN A 32 0.01 -7.24 -3.41
CA GLN A 32 1.40 -7.75 -3.40
C GLN A 32 1.99 -7.45 -4.77
N PRO A 33 2.48 -6.23 -4.96
CA PRO A 33 2.83 -5.73 -6.26
C PRO A 33 4.31 -5.84 -6.63
N PRO A 34 4.64 -5.54 -7.89
CA PRO A 34 6.02 -5.45 -8.35
C PRO A 34 6.67 -4.16 -7.80
N PRO A 35 8.01 -4.01 -7.87
CA PRO A 35 8.73 -2.85 -7.31
C PRO A 35 8.22 -1.52 -7.85
N TRP A 36 7.72 -1.57 -9.06
CA TRP A 36 7.28 -0.38 -9.73
C TRP A 36 5.85 0.00 -9.36
N GLU A 37 5.22 -0.81 -8.53
CA GLU A 37 3.88 -0.58 -8.08
C GLU A 37 3.91 -0.41 -6.61
N CYS A 38 5.06 -0.53 -6.06
CA CYS A 38 5.19 -0.34 -4.68
C CYS A 38 5.41 1.15 -4.43
N TYR A 39 4.32 1.88 -4.40
CA TYR A 39 4.34 3.31 -4.22
C TYR A 39 4.33 3.63 -2.77
N GLN A 40 4.99 4.65 -2.37
CA GLN A 40 4.96 5.02 -0.99
C GLN A 40 3.97 6.07 -0.67
N CYS A 41 3.54 6.02 0.53
CA CYS A 41 2.66 7.01 1.05
C CYS A 41 3.39 7.66 2.21
N PCA B . -10.84 1.25 -7.15
CA PCA B . -11.26 2.58 -6.75
CB PCA B . -12.69 2.46 -6.24
CG PCA B . -13.08 1.01 -6.45
CD PCA B . -11.82 0.36 -7.00
OE PCA B . -11.74 -0.83 -7.25
C PCA B . -10.37 3.10 -5.65
O PCA B . -10.18 4.30 -5.49
H PCA B . -9.94 1.04 -7.50
HA PCA B . -11.20 3.26 -7.57
HB2 PCA B . -13.34 3.12 -6.82
HB3 PCA B . -12.73 2.72 -5.18
HG2 PCA B . -13.88 0.92 -7.19
HG3 PCA B . -13.38 0.57 -5.50
N GLU A 1 -9.83 1.46 -5.69
CA GLU A 1 -9.00 1.84 -4.58
C GLU A 1 -7.72 1.02 -4.67
N ALA A 2 -6.60 1.64 -4.43
CA ALA A 2 -5.35 0.91 -4.46
C ALA A 2 -5.23 0.10 -3.16
N PHE A 3 -4.42 -0.92 -3.19
CA PHE A 3 -4.19 -1.76 -2.04
C PHE A 3 -3.28 -1.01 -1.12
N CYS A 4 -3.61 -0.96 0.14
CA CYS A 4 -2.90 -0.10 1.06
C CYS A 4 -2.01 -0.89 1.99
N PHE A 5 -0.84 -0.33 2.25
CA PHE A 5 0.17 -0.95 3.06
C PHE A 5 0.66 0.03 4.11
N SER A 6 0.75 -0.43 5.34
CA SER A 6 1.24 0.39 6.44
C SER A 6 2.74 0.63 6.33
N ASP A 7 3.48 -0.39 5.91
CA ASP A 7 4.91 -0.23 5.74
C ASP A 7 5.18 0.45 4.44
N ARG A 8 6.26 1.11 4.41
CA ARG A 8 6.66 1.94 3.29
C ARG A 8 7.00 1.11 2.09
N PHE A 9 7.48 -0.06 2.32
CA PHE A 9 7.97 -0.89 1.26
C PHE A 9 6.96 -1.94 0.88
N CYS A 10 5.68 -1.64 1.16
CA CYS A 10 4.58 -2.49 0.76
C CYS A 10 4.70 -3.88 1.39
N GLN A 11 5.24 -3.94 2.59
CA GLN A 11 5.40 -5.22 3.25
C GLN A 11 4.11 -5.66 3.95
N ASN A 12 3.49 -4.77 4.70
CA ASN A 12 2.27 -5.11 5.44
C ASN A 12 1.06 -4.51 4.80
N TYR A 13 0.25 -5.34 4.23
CA TYR A 13 -0.97 -4.93 3.56
C TYR A 13 -2.15 -4.99 4.50
N ILE A 14 -2.96 -3.97 4.45
CA ILE A 14 -4.04 -3.79 5.41
C ILE A 14 -5.40 -3.67 4.73
N GLY A 15 -5.45 -4.08 3.49
CA GLY A 15 -6.66 -4.02 2.70
C GLY A 15 -6.74 -2.75 1.90
N SER A 16 -7.79 -2.58 1.16
CA SER A 16 -8.01 -1.37 0.42
C SER A 16 -9.00 -0.52 1.19
N ILE A 17 -8.49 0.22 2.12
CA ILE A 17 -9.29 1.03 2.98
C ILE A 17 -9.44 2.43 2.40
N PRO A 18 -10.60 3.08 2.59
CA PRO A 18 -10.92 4.40 2.04
C PRO A 18 -9.84 5.47 2.25
N ASP A 19 -9.37 5.62 3.48
CA ASP A 19 -8.34 6.65 3.78
C ASP A 19 -7.00 6.22 3.26
N CYS A 20 -6.81 4.91 3.26
CA CYS A 20 -5.61 4.22 2.78
C CYS A 20 -4.39 4.44 3.68
N CYS A 21 -4.04 5.67 3.89
CA CYS A 21 -2.87 6.01 4.64
C CYS A 21 -3.25 6.43 6.04
N PHE A 22 -2.85 5.66 7.02
CA PHE A 22 -3.08 5.99 8.41
C PHE A 22 -1.80 6.19 9.17
N GLY A 23 -0.73 5.63 8.66
CA GLY A 23 0.49 5.73 9.38
C GLY A 23 1.69 5.84 8.49
N ARG A 24 1.55 6.64 7.44
CA ARG A 24 2.61 6.89 6.45
C ARG A 24 3.10 5.56 5.83
N GLY A 25 2.36 5.06 4.86
CA GLY A 25 2.70 3.79 4.30
C GLY A 25 2.96 3.84 2.81
N SER A 26 2.33 2.94 2.12
CA SER A 26 2.47 2.77 0.69
C SER A 26 1.17 2.16 0.18
N TYR A 27 1.09 1.98 -1.10
CA TYR A 27 -0.06 1.42 -1.74
C TYR A 27 0.35 0.87 -3.08
N SER A 28 -0.50 0.10 -3.69
CA SER A 28 -0.21 -0.48 -4.97
C SER A 28 -1.50 -0.84 -5.67
N PHE A 29 -1.45 -1.20 -6.92
CA PHE A 29 -2.66 -1.55 -7.62
C PHE A 29 -2.86 -3.05 -7.63
N GLU A 30 -1.92 -3.77 -7.07
CA GLU A 30 -2.02 -5.21 -6.94
C GLU A 30 -1.64 -5.61 -5.52
N LEU A 31 -2.33 -6.60 -5.00
CA LEU A 31 -2.08 -7.12 -3.66
C LEU A 31 -0.74 -7.84 -3.68
N GLN A 32 0.21 -7.33 -2.89
CA GLN A 32 1.60 -7.80 -2.86
C GLN A 32 2.19 -7.56 -4.25
N PRO A 33 2.68 -6.34 -4.48
CA PRO A 33 3.05 -5.93 -5.80
C PRO A 33 4.54 -6.07 -6.12
N PRO A 34 4.87 -5.91 -7.40
CA PRO A 34 6.24 -5.87 -7.87
C PRO A 34 6.88 -4.52 -7.53
N PRO A 35 8.21 -4.37 -7.67
CA PRO A 35 8.93 -3.13 -7.34
C PRO A 35 8.39 -1.92 -8.08
N TRP A 36 7.81 -2.17 -9.22
CA TRP A 36 7.32 -1.10 -10.06
C TRP A 36 5.88 -0.71 -9.70
N GLU A 37 5.39 -1.25 -8.61
CA GLU A 37 4.08 -1.00 -8.13
C GLU A 37 4.12 -0.65 -6.69
N CYS A 38 5.29 -0.62 -6.13
CA CYS A 38 5.37 -0.30 -4.75
C CYS A 38 5.47 1.21 -4.54
N TYR A 39 4.32 1.85 -4.56
CA TYR A 39 4.23 3.30 -4.44
C TYR A 39 4.14 3.72 -2.99
N GLN A 40 4.94 4.64 -2.55
CA GLN A 40 4.82 5.14 -1.21
C GLN A 40 3.73 6.19 -1.10
N CYS A 41 3.23 6.36 0.09
CA CYS A 41 2.23 7.34 0.37
C CYS A 41 2.91 8.57 0.93
N PCA B . -10.96 0.18 -7.65
CA PCA B . -10.86 1.63 -7.79
CB PCA B . -12.26 2.19 -7.61
CG PCA B . -13.16 0.99 -7.33
CD PCA B . -12.19 -0.18 -7.29
OE PCA B . -12.53 -1.31 -6.94
C PCA B . -9.95 2.20 -6.74
O PCA B . -9.32 3.23 -6.92
H PCA B . -10.22 -0.44 -7.81
HA PCA B . -10.46 1.90 -8.75
HB2 PCA B . -12.59 2.71 -8.52
HB3 PCA B . -12.29 2.89 -6.78
HG2 PCA B . -13.87 0.84 -8.15
HG3 PCA B . -13.68 1.12 -6.38
N GLU A 1 -9.80 0.92 -5.66
CA GLU A 1 -9.03 1.43 -4.57
C GLU A 1 -7.66 0.81 -4.62
N ALA A 2 -6.67 1.55 -4.25
CA ALA A 2 -5.35 1.01 -4.18
C ALA A 2 -5.22 0.21 -2.89
N PHE A 3 -4.38 -0.74 -2.92
CA PHE A 3 -4.16 -1.61 -1.81
C PHE A 3 -3.23 -0.92 -0.88
N CYS A 4 -3.50 -0.97 0.39
CA CYS A 4 -2.73 -0.21 1.33
C CYS A 4 -1.84 -1.06 2.16
N PHE A 5 -0.65 -0.57 2.37
CA PHE A 5 0.35 -1.23 3.12
C PHE A 5 0.84 -0.29 4.19
N SER A 6 0.92 -0.77 5.39
CA SER A 6 1.31 0.02 6.52
C SER A 6 2.80 0.30 6.48
N ASP A 7 3.55 -0.73 6.19
CA ASP A 7 4.97 -0.61 6.09
C ASP A 7 5.35 -0.12 4.76
N ARG A 8 6.39 0.65 4.76
CA ARG A 8 6.83 1.46 3.60
C ARG A 8 7.17 0.67 2.39
N PHE A 9 7.62 -0.51 2.57
CA PHE A 9 8.08 -1.30 1.46
C PHE A 9 7.05 -2.30 1.02
N CYS A 10 5.77 -1.96 1.23
CA CYS A 10 4.64 -2.77 0.80
C CYS A 10 4.72 -4.17 1.39
N GLN A 11 5.21 -4.25 2.61
CA GLN A 11 5.37 -5.52 3.28
C GLN A 11 4.05 -5.99 3.89
N ASN A 12 3.40 -5.12 4.60
CA ASN A 12 2.18 -5.49 5.29
C ASN A 12 0.99 -4.83 4.70
N TYR A 13 0.17 -5.61 4.05
CA TYR A 13 -1.05 -5.11 3.47
C TYR A 13 -2.17 -5.22 4.44
N ILE A 14 -2.92 -4.16 4.54
CA ILE A 14 -3.91 -4.02 5.58
C ILE A 14 -5.31 -3.81 4.99
N GLY A 15 -5.43 -4.12 3.74
CA GLY A 15 -6.70 -3.96 3.06
C GLY A 15 -6.78 -2.61 2.38
N SER A 16 -7.88 -2.35 1.77
CA SER A 16 -8.15 -1.08 1.18
C SER A 16 -9.27 -0.43 1.98
N ILE A 17 -8.90 0.24 3.03
CA ILE A 17 -9.83 0.84 3.97
C ILE A 17 -9.89 2.33 3.81
N PRO A 18 -10.93 2.98 4.31
CA PRO A 18 -11.05 4.47 4.27
C PRO A 18 -10.03 5.23 5.16
N ASP A 19 -9.08 4.52 5.78
CA ASP A 19 -8.09 5.19 6.64
C ASP A 19 -6.66 4.66 6.46
N CYS A 20 -6.39 3.96 5.38
CA CYS A 20 -5.04 3.40 5.19
C CYS A 20 -4.00 4.37 4.61
N CYS A 21 -3.86 4.42 3.28
CA CYS A 21 -2.83 5.24 2.62
C CYS A 21 -3.11 6.73 2.76
N PHE A 22 -4.32 7.01 3.20
CA PHE A 22 -4.76 8.36 3.47
C PHE A 22 -3.88 8.97 4.57
N GLY A 23 -3.47 8.13 5.49
CA GLY A 23 -2.63 8.57 6.57
C GLY A 23 -1.17 8.55 6.18
N ARG A 24 -0.58 7.37 6.21
CA ARG A 24 0.84 7.19 5.94
C ARG A 24 1.09 5.70 5.70
N GLY A 25 1.95 5.40 4.75
CA GLY A 25 2.29 4.01 4.47
C GLY A 25 2.78 3.87 3.06
N SER A 26 2.24 2.92 2.35
CA SER A 26 2.51 2.68 0.96
C SER A 26 1.28 2.03 0.37
N TYR A 27 1.23 1.90 -0.92
CA TYR A 27 0.09 1.38 -1.57
C TYR A 27 0.48 0.89 -2.93
N SER A 28 -0.44 0.24 -3.57
CA SER A 28 -0.22 -0.28 -4.87
C SER A 28 -1.55 -0.58 -5.52
N PHE A 29 -1.55 -0.90 -6.77
CA PHE A 29 -2.77 -1.21 -7.47
C PHE A 29 -2.91 -2.70 -7.63
N GLU A 30 -1.98 -3.42 -7.05
CA GLU A 30 -1.97 -4.86 -7.05
C GLU A 30 -1.64 -5.35 -5.64
N LEU A 31 -2.26 -6.41 -5.22
CA LEU A 31 -2.05 -6.97 -3.90
C LEU A 31 -0.72 -7.72 -3.94
N GLN A 32 0.23 -7.28 -3.09
CA GLN A 32 1.62 -7.74 -3.11
C GLN A 32 2.19 -7.40 -4.49
N PRO A 33 2.63 -6.17 -4.67
CA PRO A 33 2.96 -5.67 -5.97
C PRO A 33 4.44 -5.82 -6.36
N PRO A 34 4.73 -5.58 -7.63
CA PRO A 34 6.09 -5.53 -8.13
C PRO A 34 6.77 -4.25 -7.64
N PRO A 35 8.12 -4.15 -7.77
CA PRO A 35 8.90 -2.99 -7.27
C PRO A 35 8.38 -1.67 -7.78
N TRP A 36 7.88 -1.70 -9.00
CA TRP A 36 7.44 -0.52 -9.67
C TRP A 36 6.04 -0.09 -9.25
N GLU A 37 5.41 -0.86 -8.40
CA GLU A 37 4.08 -0.62 -7.96
C GLU A 37 4.09 -0.37 -6.51
N CYS A 38 5.25 -0.42 -5.93
CA CYS A 38 5.34 -0.19 -4.56
C CYS A 38 5.50 1.31 -4.28
N TYR A 39 4.39 2.01 -4.32
CA TYR A 39 4.34 3.44 -4.17
C TYR A 39 4.24 3.78 -2.70
N GLN A 40 4.99 4.74 -2.22
CA GLN A 40 4.84 5.15 -0.86
C GLN A 40 3.83 6.27 -0.69
N CYS A 41 3.20 6.31 0.46
CA CYS A 41 2.22 7.33 0.77
C CYS A 41 2.92 8.39 1.60
N PCA B . -10.64 -0.49 -7.69
CA PCA B . -11.03 0.92 -7.66
CB PCA B . -12.51 0.97 -7.33
CG PCA B . -12.98 -0.48 -7.32
CD PCA B . -11.72 -1.27 -7.64
OE PCA B . -11.73 -2.49 -7.83
C PCA B . -10.24 1.66 -6.61
O PCA B . -9.98 2.87 -6.71
H PCA B . -9.72 -0.80 -7.73
HA PCA B . -10.82 1.39 -8.60
HB2 PCA B . -13.04 1.54 -8.11
HB3 PCA B . -12.66 1.44 -6.36
HG2 PCA B . -13.73 -0.65 -8.10
HG3 PCA B . -13.38 -0.73 -6.34
N GLU A 1 -9.55 0.01 -5.99
CA GLU A 1 -8.86 0.95 -5.18
C GLU A 1 -7.49 0.37 -4.95
N ALA A 2 -6.53 1.21 -4.69
CA ALA A 2 -5.20 0.77 -4.47
C ALA A 2 -5.09 0.21 -3.06
N PHE A 3 -4.52 -0.96 -3.00
CA PHE A 3 -4.30 -1.71 -1.79
C PHE A 3 -3.35 -0.93 -0.90
N CYS A 4 -3.61 -0.86 0.37
CA CYS A 4 -2.82 -0.04 1.25
C CYS A 4 -1.93 -0.86 2.16
N PHE A 5 -0.72 -0.41 2.34
CA PHE A 5 0.27 -1.10 3.11
C PHE A 5 0.89 -0.15 4.12
N SER A 6 0.98 -0.58 5.36
CA SER A 6 1.50 0.26 6.42
C SER A 6 3.02 0.33 6.31
N ASP A 7 3.59 -0.72 5.79
CA ASP A 7 5.02 -0.77 5.61
C ASP A 7 5.38 -0.16 4.31
N ARG A 8 6.51 0.47 4.27
CA ARG A 8 6.96 1.27 3.13
C ARG A 8 7.17 0.43 1.90
N PHE A 9 7.55 -0.79 2.10
CA PHE A 9 7.89 -1.66 1.00
C PHE A 9 6.77 -2.60 0.65
N CYS A 10 5.54 -2.17 0.91
CA CYS A 10 4.35 -2.90 0.51
C CYS A 10 4.35 -4.33 1.09
N GLN A 11 4.85 -4.48 2.29
CA GLN A 11 4.90 -5.79 2.90
C GLN A 11 3.60 -6.15 3.63
N ASN A 12 3.11 -5.23 4.43
CA ASN A 12 1.92 -5.49 5.25
C ASN A 12 0.74 -4.71 4.75
N TYR A 13 -0.19 -5.42 4.18
CA TYR A 13 -1.40 -4.86 3.65
C TYR A 13 -2.46 -4.78 4.71
N ILE A 14 -3.09 -3.64 4.77
CA ILE A 14 -3.99 -3.30 5.86
C ILE A 14 -5.39 -3.01 5.33
N GLY A 15 -5.67 -3.59 4.21
CA GLY A 15 -6.94 -3.42 3.53
C GLY A 15 -6.88 -2.32 2.50
N SER A 16 -7.98 -2.12 1.84
CA SER A 16 -8.10 -1.10 0.84
C SER A 16 -9.09 -0.08 1.36
N ILE A 17 -8.60 0.77 2.21
CA ILE A 17 -9.40 1.73 2.90
C ILE A 17 -9.35 3.11 2.22
N PRO A 18 -10.51 3.80 2.13
CA PRO A 18 -10.67 5.11 1.46
C PRO A 18 -9.57 6.15 1.73
N ASP A 19 -9.29 6.46 3.00
CA ASP A 19 -8.26 7.47 3.34
C ASP A 19 -6.88 6.88 3.07
N CYS A 20 -6.77 5.60 3.34
CA CYS A 20 -5.58 4.79 3.10
C CYS A 20 -4.45 5.06 4.08
N CYS A 21 -3.95 6.26 4.11
CA CYS A 21 -2.76 6.53 4.86
C CYS A 21 -2.98 6.95 6.30
N PHE A 22 -3.38 5.99 7.12
CA PHE A 22 -3.40 6.19 8.57
C PHE A 22 -2.03 5.86 9.06
N GLY A 23 -1.31 5.23 8.18
CA GLY A 23 0.03 4.94 8.35
C GLY A 23 0.70 5.29 7.06
N ARG A 24 1.76 6.04 7.09
CA ARG A 24 2.40 6.46 5.85
C ARG A 24 3.31 5.37 5.32
N GLY A 25 2.71 4.39 4.73
CA GLY A 25 3.47 3.31 4.19
C GLY A 25 3.52 3.37 2.70
N SER A 26 2.74 2.57 2.09
CA SER A 26 2.67 2.46 0.67
C SER A 26 1.29 1.97 0.26
N TYR A 27 1.07 1.87 -0.99
CA TYR A 27 -0.15 1.37 -1.54
C TYR A 27 0.17 0.90 -2.95
N SER A 28 -0.73 0.16 -3.57
CA SER A 28 -0.45 -0.37 -4.87
C SER A 28 -1.73 -0.83 -5.57
N PHE A 29 -1.66 -1.07 -6.87
CA PHE A 29 -2.84 -1.51 -7.60
C PHE A 29 -2.91 -3.04 -7.63
N GLU A 30 -1.87 -3.66 -7.09
CA GLU A 30 -1.79 -5.11 -6.99
C GLU A 30 -1.36 -5.44 -5.57
N LEU A 31 -1.98 -6.42 -4.96
CA LEU A 31 -1.68 -6.77 -3.59
C LEU A 31 -0.35 -7.54 -3.58
N GLN A 32 0.62 -7.05 -2.78
CA GLN A 32 2.01 -7.55 -2.78
C GLN A 32 2.57 -7.32 -4.18
N PRO A 33 2.93 -6.08 -4.48
CA PRO A 33 3.29 -5.68 -5.82
C PRO A 33 4.80 -5.59 -6.08
N PRO A 34 5.18 -5.36 -7.33
CA PRO A 34 6.57 -5.11 -7.73
C PRO A 34 6.98 -3.67 -7.37
N PRO A 35 8.29 -3.34 -7.44
CA PRO A 35 8.80 -2.00 -7.04
C PRO A 35 8.13 -0.85 -7.78
N TRP A 36 7.70 -1.14 -8.98
CA TRP A 36 7.11 -0.14 -9.83
C TRP A 36 5.62 0.04 -9.53
N GLU A 37 5.14 -0.71 -8.58
CA GLU A 37 3.80 -0.64 -8.13
C GLU A 37 3.81 -0.39 -6.67
N CYS A 38 4.97 -0.40 -6.10
CA CYS A 38 5.06 -0.16 -4.72
C CYS A 38 5.17 1.35 -4.51
N TYR A 39 4.02 1.99 -4.43
CA TYR A 39 3.94 3.41 -4.31
C TYR A 39 3.99 3.80 -2.86
N GLN A 40 5.02 4.48 -2.44
CA GLN A 40 5.07 4.92 -1.09
C GLN A 40 4.14 6.06 -0.85
N CYS A 41 3.62 6.12 0.32
CA CYS A 41 2.75 7.15 0.72
C CYS A 41 3.60 8.23 1.37
N PCA B . -10.12 -2.05 -7.44
CA PCA B . -10.96 -0.88 -7.63
CB PCA B . -12.31 -1.21 -7.01
CG PCA B . -12.17 -2.61 -6.43
CD PCA B . -10.70 -2.94 -6.65
OE PCA B . -10.14 -3.89 -6.11
C PCA B . -10.35 0.32 -6.94
O PCA B . -10.56 1.47 -7.33
H PCA B . -9.23 -2.14 -7.86
HA PCA B . -11.06 -0.65 -8.68
HB2 PCA B . -13.09 -1.20 -7.78
HB3 PCA B . -12.54 -0.50 -6.22
HG2 PCA B . -12.78 -3.33 -6.96
HG3 PCA B . -12.42 -2.59 -5.37
N GLU A 1 -8.99 1.71 -7.24
CA GLU A 1 -8.63 1.54 -5.84
C GLU A 1 -7.29 0.90 -5.68
N ALA A 2 -6.46 1.53 -4.93
CA ALA A 2 -5.16 1.01 -4.67
C ALA A 2 -5.18 0.28 -3.34
N PHE A 3 -4.35 -0.72 -3.25
CA PHE A 3 -4.20 -1.52 -2.07
C PHE A 3 -3.28 -0.78 -1.16
N CYS A 4 -3.55 -0.77 0.10
CA CYS A 4 -2.82 0.09 0.98
C CYS A 4 -1.98 -0.68 1.97
N PHE A 5 -0.79 -0.14 2.24
CA PHE A 5 0.17 -0.74 3.12
C PHE A 5 0.68 0.30 4.11
N SER A 6 0.62 0.00 5.39
CA SER A 6 1.07 0.95 6.40
C SER A 6 2.58 1.01 6.52
N ASP A 7 3.24 0.01 6.01
CA ASP A 7 4.68 -0.02 6.05
C ASP A 7 5.27 0.43 4.74
N ARG A 8 6.45 1.01 4.83
CA ARG A 8 7.10 1.71 3.72
C ARG A 8 7.37 0.82 2.52
N PHE A 9 7.74 -0.40 2.77
CA PHE A 9 8.16 -1.27 1.71
C PHE A 9 7.09 -2.26 1.32
N CYS A 10 5.81 -1.83 1.38
CA CYS A 10 4.65 -2.63 0.90
C CYS A 10 4.60 -4.06 1.47
N GLN A 11 5.03 -4.20 2.70
CA GLN A 11 5.01 -5.50 3.35
C GLN A 11 3.66 -5.77 4.02
N ASN A 12 3.16 -4.80 4.76
CA ASN A 12 1.91 -4.98 5.50
C ASN A 12 0.75 -4.34 4.83
N TYR A 13 -0.05 -5.15 4.21
CA TYR A 13 -1.26 -4.70 3.56
C TYR A 13 -2.41 -4.73 4.53
N ILE A 14 -3.11 -3.63 4.56
CA ILE A 14 -4.14 -3.39 5.56
C ILE A 14 -5.52 -3.31 4.94
N GLY A 15 -5.60 -3.74 3.71
CA GLY A 15 -6.83 -3.66 2.99
C GLY A 15 -6.88 -2.39 2.17
N SER A 16 -7.96 -2.19 1.49
CA SER A 16 -8.18 -0.99 0.75
C SER A 16 -9.23 -0.20 1.52
N ILE A 17 -8.77 0.42 2.58
CA ILE A 17 -9.61 1.14 3.50
C ILE A 17 -9.78 2.60 3.06
N PRO A 18 -10.86 3.28 3.51
CA PRO A 18 -11.13 4.69 3.16
C PRO A 18 -9.92 5.62 3.35
N ASP A 19 -9.25 5.50 4.49
CA ASP A 19 -8.10 6.37 4.80
C ASP A 19 -6.85 5.91 4.05
N CYS A 20 -6.95 4.72 3.47
CA CYS A 20 -5.87 4.04 2.76
C CYS A 20 -4.64 3.80 3.63
N CYS A 21 -3.77 4.78 3.74
CA CYS A 21 -2.59 4.64 4.53
C CYS A 21 -2.94 4.82 6.00
N PHE A 22 -3.17 3.70 6.70
CA PHE A 22 -3.44 3.74 8.13
C PHE A 22 -2.18 4.28 8.80
N GLY A 23 -1.09 3.69 8.42
CA GLY A 23 0.19 4.23 8.70
C GLY A 23 0.70 4.73 7.38
N ARG A 24 1.50 5.75 7.35
CA ARG A 24 1.93 6.28 6.07
C ARG A 24 3.03 5.40 5.47
N GLY A 25 2.62 4.42 4.70
CA GLY A 25 3.56 3.49 4.15
C GLY A 25 3.66 3.51 2.65
N SER A 26 2.90 2.69 2.03
CA SER A 26 2.91 2.52 0.61
C SER A 26 1.55 2.01 0.14
N TYR A 27 1.38 1.88 -1.13
CA TYR A 27 0.15 1.39 -1.70
C TYR A 27 0.47 0.91 -3.10
N SER A 28 -0.47 0.26 -3.75
CA SER A 28 -0.23 -0.30 -5.05
C SER A 28 -1.53 -0.61 -5.77
N PHE A 29 -1.47 -0.91 -7.06
CA PHE A 29 -2.66 -1.27 -7.79
C PHE A 29 -2.80 -2.79 -7.88
N GLU A 30 -1.87 -3.48 -7.25
CA GLU A 30 -1.88 -4.93 -7.17
C GLU A 30 -1.60 -5.36 -5.74
N LEU A 31 -2.23 -6.42 -5.30
CA LEU A 31 -2.06 -6.92 -3.96
C LEU A 31 -0.78 -7.75 -3.97
N GLN A 32 0.21 -7.34 -3.17
CA GLN A 32 1.58 -7.90 -3.20
C GLN A 32 2.16 -7.60 -4.59
N PRO A 33 2.62 -6.36 -4.78
CA PRO A 33 2.98 -5.88 -6.08
C PRO A 33 4.48 -5.94 -6.38
N PRO A 34 4.85 -5.69 -7.63
CA PRO A 34 6.24 -5.58 -8.05
C PRO A 34 6.84 -4.24 -7.56
N PRO A 35 8.18 -4.08 -7.60
CA PRO A 35 8.86 -2.88 -7.07
C PRO A 35 8.35 -1.59 -7.71
N TRP A 36 7.88 -1.71 -8.93
CA TRP A 36 7.43 -0.57 -9.68
C TRP A 36 5.98 -0.19 -9.37
N GLU A 37 5.35 -0.97 -8.53
CA GLU A 37 3.99 -0.76 -8.12
C GLU A 37 3.98 -0.51 -6.67
N CYS A 38 5.12 -0.60 -6.08
CA CYS A 38 5.23 -0.36 -4.71
C CYS A 38 5.43 1.15 -4.49
N TYR A 39 4.32 1.88 -4.56
CA TYR A 39 4.34 3.32 -4.48
C TYR A 39 4.33 3.73 -3.05
N GLN A 40 5.20 4.61 -2.69
CA GLN A 40 5.24 5.07 -1.35
C GLN A 40 4.28 6.18 -1.07
N CYS A 41 3.73 6.09 0.09
CA CYS A 41 2.74 7.00 0.56
C CYS A 41 3.45 8.18 1.20
N PCA B . -9.54 1.47 -9.86
CA PCA B . -8.99 2.76 -9.38
CB PCA B . -10.12 3.76 -9.45
CG PCA B . -11.29 3.05 -10.09
CD PCA B . -10.78 1.64 -10.34
OE PCA B . -11.45 0.78 -10.93
C PCA B . -8.48 2.65 -7.96
O PCA B . -7.57 3.38 -7.56
H PCA B . -9.05 0.62 -9.83
HA PCA B . -8.17 3.05 -10.00
HB2 PCA B . -9.82 4.62 -10.05
HB3 PCA B . -10.38 4.09 -8.44
HG2 PCA B . -11.56 3.51 -11.04
HG3 PCA B . -12.15 3.04 -9.41
N GLU A 1 -9.89 2.28 -5.81
CA GLU A 1 -9.15 1.90 -4.63
C GLU A 1 -7.84 1.25 -5.00
N ALA A 2 -6.79 1.64 -4.35
CA ALA A 2 -5.52 0.96 -4.46
C ALA A 2 -5.36 0.08 -3.21
N PHE A 3 -4.51 -0.88 -3.26
CA PHE A 3 -4.24 -1.74 -2.13
C PHE A 3 -3.35 -0.98 -1.18
N CYS A 4 -3.54 -1.12 0.10
CA CYS A 4 -2.83 -0.26 1.03
C CYS A 4 -1.96 -1.05 1.96
N PHE A 5 -0.79 -0.49 2.25
CA PHE A 5 0.20 -1.10 3.09
C PHE A 5 0.63 -0.11 4.15
N SER A 6 0.54 -0.52 5.39
CA SER A 6 0.84 0.33 6.53
C SER A 6 2.32 0.58 6.63
N ASP A 7 3.07 -0.37 6.18
CA ASP A 7 4.48 -0.32 6.28
C ASP A 7 5.10 0.19 5.02
N ARG A 8 6.23 0.83 5.19
CA ARG A 8 6.92 1.58 4.14
C ARG A 8 7.26 0.77 2.90
N PHE A 9 7.67 -0.45 3.08
CA PHE A 9 8.15 -1.24 1.98
C PHE A 9 7.13 -2.22 1.48
N CYS A 10 5.84 -1.83 1.57
CA CYS A 10 4.71 -2.60 1.02
C CYS A 10 4.72 -4.07 1.46
N GLN A 11 5.19 -4.32 2.66
CA GLN A 11 5.20 -5.67 3.18
C GLN A 11 3.90 -6.05 3.86
N ASN A 12 3.30 -5.12 4.54
CA ASN A 12 2.08 -5.40 5.29
C ASN A 12 0.88 -4.77 4.68
N TYR A 13 0.04 -5.58 4.13
CA TYR A 13 -1.17 -5.13 3.52
C TYR A 13 -2.30 -5.20 4.48
N ILE A 14 -3.10 -4.18 4.48
CA ILE A 14 -4.12 -3.98 5.49
C ILE A 14 -5.51 -3.89 4.86
N GLY A 15 -5.57 -4.24 3.62
CA GLY A 15 -6.79 -4.11 2.88
C GLY A 15 -6.81 -2.78 2.17
N SER A 16 -7.92 -2.44 1.60
CA SER A 16 -8.05 -1.18 0.96
C SER A 16 -8.96 -0.31 1.81
N ILE A 17 -8.35 0.37 2.75
CA ILE A 17 -9.07 1.23 3.66
C ILE A 17 -9.33 2.60 3.02
N PRO A 18 -10.39 3.33 3.48
CA PRO A 18 -10.84 4.62 2.89
C PRO A 18 -9.73 5.63 2.61
N ASP A 19 -9.00 6.04 3.64
CA ASP A 19 -7.94 7.05 3.47
C ASP A 19 -6.71 6.44 2.86
N CYS A 20 -6.59 5.13 3.02
CA CYS A 20 -5.46 4.33 2.57
C CYS A 20 -4.21 4.62 3.41
N CYS A 21 -3.76 5.88 3.41
CA CYS A 21 -2.60 6.32 4.16
C CYS A 21 -2.94 6.59 5.63
N PHE A 22 -3.95 5.89 6.12
CA PHE A 22 -4.36 5.88 7.54
C PHE A 22 -3.15 5.34 8.33
N GLY A 23 -2.43 4.48 7.66
CA GLY A 23 -1.16 4.02 8.06
C GLY A 23 -0.25 4.37 6.93
N ARG A 24 0.51 5.44 7.08
CA ARG A 24 1.28 5.99 5.98
C ARG A 24 2.50 5.14 5.59
N GLY A 25 2.26 4.16 4.76
CA GLY A 25 3.32 3.35 4.29
C GLY A 25 3.43 3.40 2.80
N SER A 26 2.70 2.56 2.16
CA SER A 26 2.73 2.43 0.72
C SER A 26 1.40 1.90 0.25
N TYR A 27 1.25 1.79 -1.04
CA TYR A 27 0.02 1.31 -1.63
C TYR A 27 0.34 0.85 -3.05
N SER A 28 -0.61 0.22 -3.71
CA SER A 28 -0.37 -0.30 -5.05
C SER A 28 -1.66 -0.68 -5.77
N PHE A 29 -1.59 -1.05 -7.04
CA PHE A 29 -2.78 -1.45 -7.76
C PHE A 29 -2.89 -2.97 -7.83
N GLU A 30 -1.95 -3.63 -7.18
CA GLU A 30 -1.92 -5.07 -7.07
C GLU A 30 -1.66 -5.48 -5.63
N LEU A 31 -2.22 -6.59 -5.21
CA LEU A 31 -2.03 -7.10 -3.87
C LEU A 31 -0.62 -7.70 -3.80
N GLN A 32 0.27 -6.96 -3.15
CA GLN A 32 1.69 -7.25 -3.06
C GLN A 32 2.28 -7.14 -4.45
N PRO A 33 2.71 -5.95 -4.81
CA PRO A 33 3.05 -5.61 -6.16
C PRO A 33 4.55 -5.73 -6.49
N PRO A 34 4.90 -5.51 -7.78
CA PRO A 34 6.30 -5.41 -8.21
C PRO A 34 6.90 -4.10 -7.68
N PRO A 35 8.24 -3.95 -7.68
CA PRO A 35 8.92 -2.77 -7.13
C PRO A 35 8.41 -1.46 -7.71
N TRP A 36 7.95 -1.54 -8.94
CA TRP A 36 7.50 -0.38 -9.67
C TRP A 36 6.04 -0.02 -9.36
N GLU A 37 5.38 -0.86 -8.62
CA GLU A 37 4.00 -0.66 -8.25
C GLU A 37 3.94 -0.47 -6.78
N CYS A 38 5.07 -0.56 -6.17
CA CYS A 38 5.12 -0.34 -4.78
C CYS A 38 5.29 1.16 -4.56
N TYR A 39 4.17 1.86 -4.55
CA TYR A 39 4.15 3.30 -4.43
C TYR A 39 4.17 3.67 -2.99
N GLN A 40 5.01 4.57 -2.62
CA GLN A 40 5.07 4.97 -1.26
C GLN A 40 4.24 6.14 -0.97
N CYS A 41 3.74 6.14 0.18
CA CYS A 41 2.91 7.20 0.63
C CYS A 41 3.79 8.18 1.37
N PCA B . -11.04 2.37 -8.17
CA PCA B . -10.58 3.64 -7.60
CB PCA B . -11.82 4.42 -7.20
CG PCA B . -13.00 3.58 -7.64
CD PCA B . -12.37 2.32 -8.20
OE PCA B . -13.03 1.36 -8.63
C PCA B . -9.69 3.40 -6.41
O PCA B . -8.82 4.21 -6.09
H PCA B . -10.44 1.66 -8.48
HA PCA B . -10.00 4.18 -8.33
HB2 PCA B . -11.83 5.38 -7.69
HB3 PCA B . -11.83 4.55 -6.12
HG2 PCA B . -13.57 4.08 -8.43
HG3 PCA B . -13.65 3.36 -6.79
#